data_1TFN
# 
_entry.id   1TFN 
# 
_audit_conform.dict_name       mmcif_pdbx.dic 
_audit_conform.dict_version    5.392 
_audit_conform.dict_location   http://mmcif.pdb.org/dictionaries/ascii/mmcif_pdbx.dic 
# 
loop_
_database_2.database_id 
_database_2.database_code 
_database_2.pdbx_database_accession 
_database_2.pdbx_DOI 
PDB   1TFN         pdb_00001tfn 10.2210/pdb1tfn/pdb 
WWPDB D_1000176658 ?            ?                   
# 
loop_
_pdbx_audit_revision_history.ordinal 
_pdbx_audit_revision_history.data_content_type 
_pdbx_audit_revision_history.major_revision 
_pdbx_audit_revision_history.minor_revision 
_pdbx_audit_revision_history.revision_date 
1 'Structure model' 1 0 1997-02-12 
2 'Structure model' 1 1 2008-03-24 
3 'Structure model' 1 2 2011-07-13 
4 'Structure model' 1 3 2022-03-02 
5 'Structure model' 1 4 2024-05-22 
# 
_pdbx_audit_revision_details.ordinal             1 
_pdbx_audit_revision_details.revision_ordinal    1 
_pdbx_audit_revision_details.data_content_type   'Structure model' 
_pdbx_audit_revision_details.provider            repository 
_pdbx_audit_revision_details.type                'Initial release' 
_pdbx_audit_revision_details.description         ? 
_pdbx_audit_revision_details.details             ? 
# 
loop_
_pdbx_audit_revision_group.ordinal 
_pdbx_audit_revision_group.revision_ordinal 
_pdbx_audit_revision_group.data_content_type 
_pdbx_audit_revision_group.group 
1 2 'Structure model' 'Version format compliance' 
2 3 'Structure model' 'Version format compliance' 
3 4 'Structure model' 'Data collection'           
4 4 'Structure model' 'Database references'       
5 4 'Structure model' 'Derived calculations'      
6 4 'Structure model' Other                       
7 5 'Structure model' 'Data collection'           
# 
loop_
_pdbx_audit_revision_category.ordinal 
_pdbx_audit_revision_category.revision_ordinal 
_pdbx_audit_revision_category.data_content_type 
_pdbx_audit_revision_category.category 
1 4 'Structure model' database_2            
2 4 'Structure model' pdbx_database_status  
3 4 'Structure model' pdbx_nmr_software     
4 4 'Structure model' pdbx_struct_assembly  
5 4 'Structure model' pdbx_struct_oper_list 
6 5 'Structure model' chem_comp_atom        
7 5 'Structure model' chem_comp_bond        
# 
loop_
_pdbx_audit_revision_item.ordinal 
_pdbx_audit_revision_item.revision_ordinal 
_pdbx_audit_revision_item.data_content_type 
_pdbx_audit_revision_item.item 
1 4 'Structure model' '_database_2.pdbx_DOI'                
2 4 'Structure model' '_database_2.pdbx_database_accession' 
3 4 'Structure model' '_pdbx_database_status.process_site'  
4 4 'Structure model' '_pdbx_nmr_software.name'             
# 
_pdbx_database_status.status_code                     REL 
_pdbx_database_status.entry_id                        1TFN 
_pdbx_database_status.recvd_initial_deposition_date   1996-07-10 
_pdbx_database_status.deposit_site                    ? 
_pdbx_database_status.process_site                    BNL 
_pdbx_database_status.status_code_sf                  ? 
_pdbx_database_status.status_code_mr                  REL 
_pdbx_database_status.SG_entry                        ? 
_pdbx_database_status.pdb_format_compatible           Y 
_pdbx_database_status.status_code_cs                  ? 
_pdbx_database_status.status_code_nmr_data            ? 
_pdbx_database_status.methods_development_category    ? 
# 
loop_
_audit_author.name 
_audit_author.pdbx_ordinal 
'Kerwood, D.J.' 1 
'Borer, P.N.'   2 
# 
loop_
_citation.id 
_citation.title 
_citation.journal_abbrev 
_citation.journal_volume 
_citation.page_first 
_citation.page_last 
_citation.year 
_citation.journal_id_ASTM 
_citation.country 
_citation.journal_id_ISSN 
_citation.journal_id_CSD 
_citation.book_publisher 
_citation.pdbx_database_id_PubMed 
_citation.pdbx_database_id_DOI 
primary 'Structure Refinement for a 24-Nucleotide RNA Hairpin'              MAGN.RESON.CHEM. 33  136  ? 1996 MRCHEG UK 0749-1581 
0731 ? -1 ? 
1       'Proton NMR and Structural Features of a 24-Nucleotide RNA Hairpin' Biochemistry     340 6488 ? 1995 BICHAW US 0006-2960 
0033 ? ?  ? 
# 
loop_
_citation_author.citation_id 
_citation_author.name 
_citation_author.ordinal 
_citation_author.identifier_ORCID 
primary 'Kerwood, D.J.'    1 ? 
primary 'Borer, P.N.'      2 ? 
1       'Borer, P.N.'      3 ? 
1       'Lin, Y.'          4 ? 
1       'Wang, S.'         5 ? 
1       'Roggenbuck, M.W.' 6 ? 
1       'Gott, J.M.'       7 ? 
1       'Uhlenbeck, O.C.'  8 ? 
1       'Pelczer, I.'      9 ? 
# 
_entity.id                         1 
_entity.type                       polymer 
_entity.src_method                 syn 
_entity.pdbx_description           
;RNA (5'-R(*GP*GP*GP*AP*CP*UP*GP*AP*CP*GP*AP*UP*CP*AP*CP*GP*CP*AP*GP*UP*CP*UP*AP*U)-3')
;
_entity.formula_weight             7708.638 
_entity.pdbx_number_of_molecules   1 
_entity.pdbx_ec                    ? 
_entity.pdbx_mutation              ? 
_entity.pdbx_fragment              ? 
_entity.details                    ? 
# 
_entity_poly.entity_id                      1 
_entity_poly.type                           polyribonucleotide 
_entity_poly.nstd_linkage                   no 
_entity_poly.nstd_monomer                   no 
_entity_poly.pdbx_seq_one_letter_code       GGGACUGACGAUCACGCAGUCUAU 
_entity_poly.pdbx_seq_one_letter_code_can   GGGACUGACGAUCACGCAGUCUAU 
_entity_poly.pdbx_strand_id                 A 
_entity_poly.pdbx_target_identifier         ? 
# 
loop_
_entity_poly_seq.entity_id 
_entity_poly_seq.num 
_entity_poly_seq.mon_id 
_entity_poly_seq.hetero 
1 1  G n 
1 2  G n 
1 3  G n 
1 4  A n 
1 5  C n 
1 6  U n 
1 7  G n 
1 8  A n 
1 9  C n 
1 10 G n 
1 11 A n 
1 12 U n 
1 13 C n 
1 14 A n 
1 15 C n 
1 16 G n 
1 17 C n 
1 18 A n 
1 19 G n 
1 20 U n 
1 21 C n 
1 22 U n 
1 23 A n 
1 24 U n 
# 
loop_
_chem_comp.id 
_chem_comp.type 
_chem_comp.mon_nstd_flag 
_chem_comp.name 
_chem_comp.pdbx_synonyms 
_chem_comp.formula 
_chem_comp.formula_weight 
A 'RNA linking' y "ADENOSINE-5'-MONOPHOSPHATE" ? 'C10 H14 N5 O7 P' 347.221 
C 'RNA linking' y "CYTIDINE-5'-MONOPHOSPHATE"  ? 'C9 H14 N3 O8 P'  323.197 
G 'RNA linking' y "GUANOSINE-5'-MONOPHOSPHATE" ? 'C10 H14 N5 O8 P' 363.221 
U 'RNA linking' y "URIDINE-5'-MONOPHOSPHATE"   ? 'C9 H13 N2 O9 P'  324.181 
# 
loop_
_pdbx_poly_seq_scheme.asym_id 
_pdbx_poly_seq_scheme.entity_id 
_pdbx_poly_seq_scheme.seq_id 
_pdbx_poly_seq_scheme.mon_id 
_pdbx_poly_seq_scheme.ndb_seq_num 
_pdbx_poly_seq_scheme.pdb_seq_num 
_pdbx_poly_seq_scheme.auth_seq_num 
_pdbx_poly_seq_scheme.pdb_mon_id 
_pdbx_poly_seq_scheme.auth_mon_id 
_pdbx_poly_seq_scheme.pdb_strand_id 
_pdbx_poly_seq_scheme.pdb_ins_code 
_pdbx_poly_seq_scheme.hetero 
A 1 1  G 1  1  1  G G A . n 
A 1 2  G 2  2  2  G G A . n 
A 1 3  G 3  3  3  G G A . n 
A 1 4  A 4  4  4  A A A . n 
A 1 5  C 5  5  5  C C A . n 
A 1 6  U 6  6  6  U U A . n 
A 1 7  G 7  7  7  G G A . n 
A 1 8  A 8  8  8  A A A . n 
A 1 9  C 9  9  9  C C A . n 
A 1 10 G 10 10 10 G G A . n 
A 1 11 A 11 11 11 A A A . n 
A 1 12 U 12 12 12 U U A . n 
A 1 13 C 13 13 13 C C A . n 
A 1 14 A 14 14 14 A A A . n 
A 1 15 C 15 15 15 C C A . n 
A 1 16 G 16 16 16 G G A . n 
A 1 17 C 17 17 17 C C A . n 
A 1 18 A 18 18 18 A A A . n 
A 1 19 G 19 19 19 G G A . n 
A 1 20 U 20 20 20 U U A . n 
A 1 21 C 21 21 21 C C A . n 
A 1 22 U 22 22 22 U U A . n 
A 1 23 A 23 23 23 A A A . n 
A 1 24 U 24 24 24 U U A . n 
# 
loop_
_pdbx_unobs_or_zero_occ_atoms.id 
_pdbx_unobs_or_zero_occ_atoms.PDB_model_num 
_pdbx_unobs_or_zero_occ_atoms.polymer_flag 
_pdbx_unobs_or_zero_occ_atoms.occupancy_flag 
_pdbx_unobs_or_zero_occ_atoms.auth_asym_id 
_pdbx_unobs_or_zero_occ_atoms.auth_comp_id 
_pdbx_unobs_or_zero_occ_atoms.auth_seq_id 
_pdbx_unobs_or_zero_occ_atoms.PDB_ins_code 
_pdbx_unobs_or_zero_occ_atoms.auth_atom_id 
_pdbx_unobs_or_zero_occ_atoms.label_alt_id 
_pdbx_unobs_or_zero_occ_atoms.label_asym_id 
_pdbx_unobs_or_zero_occ_atoms.label_comp_id 
_pdbx_unobs_or_zero_occ_atoms.label_seq_id 
_pdbx_unobs_or_zero_occ_atoms.label_atom_id 
1  1 Y 1 A G 2  ? OP1 ? A G 2  OP1 
2  1 Y 1 A G 2  ? OP2 ? A G 2  OP2 
3  1 Y 1 A G 3  ? OP1 ? A G 3  OP1 
4  1 Y 1 A G 3  ? OP2 ? A G 3  OP2 
5  1 Y 1 A A 4  ? OP1 ? A A 4  OP1 
6  1 Y 1 A A 4  ? OP2 ? A A 4  OP2 
7  1 Y 1 A C 5  ? OP1 ? A C 5  OP1 
8  1 Y 1 A C 5  ? OP2 ? A C 5  OP2 
9  1 Y 1 A U 6  ? OP1 ? A U 6  OP1 
10 1 Y 1 A U 6  ? OP2 ? A U 6  OP2 
11 1 Y 1 A G 7  ? OP1 ? A G 7  OP1 
12 1 Y 1 A G 7  ? OP2 ? A G 7  OP2 
13 1 Y 1 A A 8  ? OP1 ? A A 8  OP1 
14 1 Y 1 A A 8  ? OP2 ? A A 8  OP2 
15 1 Y 1 A C 9  ? OP1 ? A C 9  OP1 
16 1 Y 1 A C 9  ? OP2 ? A C 9  OP2 
17 1 Y 1 A G 10 ? OP1 ? A G 10 OP1 
18 1 Y 1 A G 10 ? OP2 ? A G 10 OP2 
19 1 Y 1 A A 11 ? OP1 ? A A 11 OP1 
20 1 Y 1 A A 11 ? OP2 ? A A 11 OP2 
21 1 Y 1 A U 12 ? OP1 ? A U 12 OP1 
22 1 Y 1 A U 12 ? OP2 ? A U 12 OP2 
23 1 Y 1 A C 13 ? OP1 ? A C 13 OP1 
24 1 Y 1 A C 13 ? OP2 ? A C 13 OP2 
25 1 Y 1 A A 14 ? OP1 ? A A 14 OP1 
26 1 Y 1 A A 14 ? OP2 ? A A 14 OP2 
27 1 Y 1 A C 15 ? OP1 ? A C 15 OP1 
28 1 Y 1 A C 15 ? OP2 ? A C 15 OP2 
29 1 Y 1 A G 16 ? OP1 ? A G 16 OP1 
30 1 Y 1 A G 16 ? OP2 ? A G 16 OP2 
31 1 Y 1 A C 17 ? OP1 ? A C 17 OP1 
32 1 Y 1 A C 17 ? OP2 ? A C 17 OP2 
33 1 Y 1 A A 18 ? OP1 ? A A 18 OP1 
34 1 Y 1 A A 18 ? OP2 ? A A 18 OP2 
35 1 Y 1 A G 19 ? OP1 ? A G 19 OP1 
36 1 Y 1 A G 19 ? OP2 ? A G 19 OP2 
37 1 Y 1 A U 20 ? OP1 ? A U 20 OP1 
38 1 Y 1 A U 20 ? OP2 ? A U 20 OP2 
39 1 Y 1 A C 21 ? OP1 ? A C 21 OP1 
40 1 Y 1 A C 21 ? OP2 ? A C 21 OP2 
41 1 Y 1 A U 22 ? OP1 ? A U 22 OP1 
42 1 Y 1 A U 22 ? OP2 ? A U 22 OP2 
43 1 Y 1 A A 23 ? OP1 ? A A 23 OP1 
44 1 Y 1 A A 23 ? OP2 ? A A 23 OP2 
45 1 Y 1 A U 24 ? OP1 ? A U 24 OP1 
46 1 Y 1 A U 24 ? OP2 ? A U 24 OP2 
# 
_software.name             AMBER 
_software.classification   refinement 
_software.version          . 
_software.citation_id      ? 
_software.pdbx_ordinal     1 
# 
_cell.entry_id           1TFN 
_cell.length_a           1.000 
_cell.length_b           1.000 
_cell.length_c           1.000 
_cell.angle_alpha        90.00 
_cell.angle_beta         90.00 
_cell.angle_gamma        90.00 
_cell.Z_PDB              1 
_cell.pdbx_unique_axis   ? 
# 
_symmetry.entry_id                         1TFN 
_symmetry.space_group_name_H-M             'P 1' 
_symmetry.pdbx_full_space_group_name_H-M   ? 
_symmetry.cell_setting                     ? 
_symmetry.Int_Tables_number                1 
# 
_exptl.entry_id          1TFN 
_exptl.method            'SOLUTION NMR' 
_exptl.crystals_number   ? 
# 
_struct.entry_id                  1TFN 
_struct.title                     'STRUCTURE REFINEMENT FOR A 24-NUCLEOTIDE RNA HAIRPIN, NMR, MINIMIZED AVERAGE STRUCTURE' 
_struct.pdbx_model_details        ? 
_struct.pdbx_CASP_flag            ? 
_struct.pdbx_model_type_details   ? 
# 
_struct_keywords.entry_id        1TFN 
_struct_keywords.pdbx_keywords   RNA 
_struct_keywords.text            'RIBONUCLEIC ACID, HAIRPIN, BACTERIOPHAGE R17, RNA' 
# 
_struct_asym.id                            A 
_struct_asym.pdbx_blank_PDB_chainid_flag   N 
_struct_asym.pdbx_modified                 N 
_struct_asym.entity_id                     1 
_struct_asym.details                       ? 
# 
_struct_ref.id                         1 
_struct_ref.entity_id                  1 
_struct_ref.db_name                    PDB 
_struct_ref.db_code                    1TFN 
_struct_ref.pdbx_db_accession          1TFN 
_struct_ref.pdbx_db_isoform            ? 
_struct_ref.pdbx_seq_one_letter_code   ? 
_struct_ref.pdbx_align_begin           ? 
# 
_struct_ref_seq.align_id                      1 
_struct_ref_seq.ref_id                        1 
_struct_ref_seq.pdbx_PDB_id_code              1TFN 
_struct_ref_seq.pdbx_strand_id                A 
_struct_ref_seq.seq_align_beg                 1 
_struct_ref_seq.pdbx_seq_align_beg_ins_code   ? 
_struct_ref_seq.seq_align_end                 24 
_struct_ref_seq.pdbx_seq_align_end_ins_code   ? 
_struct_ref_seq.pdbx_db_accession             1TFN 
_struct_ref_seq.db_align_beg                  1 
_struct_ref_seq.pdbx_db_align_beg_ins_code    ? 
_struct_ref_seq.db_align_end                  24 
_struct_ref_seq.pdbx_db_align_end_ins_code    ? 
_struct_ref_seq.pdbx_auth_seq_align_beg       1 
_struct_ref_seq.pdbx_auth_seq_align_end       24 
# 
_pdbx_struct_assembly.id                   1 
_pdbx_struct_assembly.details              author_defined_assembly 
_pdbx_struct_assembly.method_details       ? 
_pdbx_struct_assembly.oligomeric_details   monomeric 
_pdbx_struct_assembly.oligomeric_count     1 
# 
_pdbx_struct_assembly_gen.assembly_id       1 
_pdbx_struct_assembly_gen.oper_expression   1 
_pdbx_struct_assembly_gen.asym_id_list      A 
# 
_pdbx_struct_oper_list.id                   1 
_pdbx_struct_oper_list.type                 'identity operation' 
_pdbx_struct_oper_list.name                 1_555 
_pdbx_struct_oper_list.symmetry_operation   x,y,z 
_pdbx_struct_oper_list.matrix[1][1]         1.0000000000 
_pdbx_struct_oper_list.matrix[1][2]         0.0000000000 
_pdbx_struct_oper_list.matrix[1][3]         0.0000000000 
_pdbx_struct_oper_list.vector[1]            0.0000000000 
_pdbx_struct_oper_list.matrix[2][1]         0.0000000000 
_pdbx_struct_oper_list.matrix[2][2]         1.0000000000 
_pdbx_struct_oper_list.matrix[2][3]         0.0000000000 
_pdbx_struct_oper_list.vector[2]            0.0000000000 
_pdbx_struct_oper_list.matrix[3][1]         0.0000000000 
_pdbx_struct_oper_list.matrix[3][2]         0.0000000000 
_pdbx_struct_oper_list.matrix[3][3]         1.0000000000 
_pdbx_struct_oper_list.vector[3]            0.0000000000 
# 
_struct_biol.id   1 
# 
loop_
_struct_conn.id 
_struct_conn.conn_type_id 
_struct_conn.pdbx_leaving_atom_flag 
_struct_conn.pdbx_PDB_id 
_struct_conn.ptnr1_label_asym_id 
_struct_conn.ptnr1_label_comp_id 
_struct_conn.ptnr1_label_seq_id 
_struct_conn.ptnr1_label_atom_id 
_struct_conn.pdbx_ptnr1_label_alt_id 
_struct_conn.pdbx_ptnr1_PDB_ins_code 
_struct_conn.pdbx_ptnr1_standard_comp_id 
_struct_conn.ptnr1_symmetry 
_struct_conn.ptnr2_label_asym_id 
_struct_conn.ptnr2_label_comp_id 
_struct_conn.ptnr2_label_seq_id 
_struct_conn.ptnr2_label_atom_id 
_struct_conn.pdbx_ptnr2_label_alt_id 
_struct_conn.pdbx_ptnr2_PDB_ins_code 
_struct_conn.ptnr1_auth_asym_id 
_struct_conn.ptnr1_auth_comp_id 
_struct_conn.ptnr1_auth_seq_id 
_struct_conn.ptnr2_auth_asym_id 
_struct_conn.ptnr2_auth_comp_id 
_struct_conn.ptnr2_auth_seq_id 
_struct_conn.ptnr2_symmetry 
_struct_conn.pdbx_ptnr3_label_atom_id 
_struct_conn.pdbx_ptnr3_label_seq_id 
_struct_conn.pdbx_ptnr3_label_comp_id 
_struct_conn.pdbx_ptnr3_label_asym_id 
_struct_conn.pdbx_ptnr3_label_alt_id 
_struct_conn.pdbx_ptnr3_PDB_ins_code 
_struct_conn.details 
_struct_conn.pdbx_dist_value 
_struct_conn.pdbx_value_order 
_struct_conn.pdbx_role 
hydrog1  hydrog ? ? A G 2  N2 ? ? ? 1_555 A U 22 O2 ? ? A G 2  A U 22 1_555 ? ? ? ? ? ? 'G-U MISPAIR' ? ? ? 
hydrog2  hydrog ? ? A G 3  N1 ? ? ? 1_555 A C 21 N3 ? ? A G 3  A C 21 1_555 ? ? ? ? ? ? WATSON-CRICK  ? ? ? 
hydrog3  hydrog ? ? A G 3  N2 ? ? ? 1_555 A C 21 O2 ? ? A G 3  A C 21 1_555 ? ? ? ? ? ? WATSON-CRICK  ? ? ? 
hydrog4  hydrog ? ? A G 3  O6 ? ? ? 1_555 A C 21 N4 ? ? A G 3  A C 21 1_555 ? ? ? ? ? ? WATSON-CRICK  ? ? ? 
hydrog5  hydrog ? ? A A 4  N1 ? ? ? 1_555 A U 20 N3 ? ? A A 4  A U 20 1_555 ? ? ? ? ? ? WATSON-CRICK  ? ? ? 
hydrog6  hydrog ? ? A A 4  N6 ? ? ? 1_555 A U 20 O4 ? ? A A 4  A U 20 1_555 ? ? ? ? ? ? WATSON-CRICK  ? ? ? 
hydrog7  hydrog ? ? A C 5  N3 ? ? ? 1_555 A G 19 N1 ? ? A C 5  A G 19 1_555 ? ? ? ? ? ? WATSON-CRICK  ? ? ? 
hydrog8  hydrog ? ? A C 5  N4 ? ? ? 1_555 A G 19 O6 ? ? A C 5  A G 19 1_555 ? ? ? ? ? ? WATSON-CRICK  ? ? ? 
hydrog9  hydrog ? ? A C 5  O2 ? ? ? 1_555 A G 19 N2 ? ? A C 5  A G 19 1_555 ? ? ? ? ? ? WATSON-CRICK  ? ? ? 
hydrog10 hydrog ? ? A U 6  N3 ? ? ? 1_555 A A 18 N1 ? ? A U 6  A A 18 1_555 ? ? ? ? ? ? WATSON-CRICK  ? ? ? 
hydrog11 hydrog ? ? A U 6  O4 ? ? ? 1_555 A A 18 N6 ? ? A U 6  A A 18 1_555 ? ? ? ? ? ? WATSON-CRICK  ? ? ? 
hydrog12 hydrog ? ? A G 7  N1 ? ? ? 1_555 A C 17 N3 ? ? A G 7  A C 17 1_555 ? ? ? ? ? ? WATSON-CRICK  ? ? ? 
hydrog13 hydrog ? ? A G 7  N2 ? ? ? 1_555 A C 17 O2 ? ? A G 7  A C 17 1_555 ? ? ? ? ? ? WATSON-CRICK  ? ? ? 
hydrog14 hydrog ? ? A G 7  O6 ? ? ? 1_555 A C 17 N4 ? ? A G 7  A C 17 1_555 ? ? ? ? ? ? WATSON-CRICK  ? ? ? 
hydrog15 hydrog ? ? A C 9  N3 ? ? ? 1_555 A G 16 N1 ? ? A C 9  A G 16 1_555 ? ? ? ? ? ? WATSON-CRICK  ? ? ? 
hydrog16 hydrog ? ? A C 9  N4 ? ? ? 1_555 A G 16 O6 ? ? A C 9  A G 16 1_555 ? ? ? ? ? ? WATSON-CRICK  ? ? ? 
hydrog17 hydrog ? ? A C 9  O2 ? ? ? 1_555 A G 16 N2 ? ? A C 9  A G 16 1_555 ? ? ? ? ? ? WATSON-CRICK  ? ? ? 
hydrog18 hydrog ? ? A G 10 N1 ? ? ? 1_555 A C 15 O2 ? ? A G 10 A C 15 1_555 ? ? ? ? ? ? 'G-C PAIR'    ? ? ? 
# 
_struct_conn_type.id          hydrog 
_struct_conn_type.criteria    ? 
_struct_conn_type.reference   ? 
# 
loop_
_pdbx_validate_rmsd_bond.id 
_pdbx_validate_rmsd_bond.PDB_model_num 
_pdbx_validate_rmsd_bond.auth_atom_id_1 
_pdbx_validate_rmsd_bond.auth_asym_id_1 
_pdbx_validate_rmsd_bond.auth_comp_id_1 
_pdbx_validate_rmsd_bond.auth_seq_id_1 
_pdbx_validate_rmsd_bond.PDB_ins_code_1 
_pdbx_validate_rmsd_bond.label_alt_id_1 
_pdbx_validate_rmsd_bond.auth_atom_id_2 
_pdbx_validate_rmsd_bond.auth_asym_id_2 
_pdbx_validate_rmsd_bond.auth_comp_id_2 
_pdbx_validate_rmsd_bond.auth_seq_id_2 
_pdbx_validate_rmsd_bond.PDB_ins_code_2 
_pdbx_validate_rmsd_bond.label_alt_id_2 
_pdbx_validate_rmsd_bond.bond_value 
_pdbx_validate_rmsd_bond.bond_target_value 
_pdbx_validate_rmsd_bond.bond_deviation 
_pdbx_validate_rmsd_bond.bond_standard_deviation 
_pdbx_validate_rmsd_bond.linker_flag 
1 1 C4 A G 1 ? ? C5 A G 1 ? ? 1.335 1.379 -0.044 0.007 N 
2 1 C5 A G 1 ? ? C6 A G 1 ? ? 1.481 1.419 0.062  0.010 N 
# 
loop_
_pdbx_validate_rmsd_angle.id 
_pdbx_validate_rmsd_angle.PDB_model_num 
_pdbx_validate_rmsd_angle.auth_atom_id_1 
_pdbx_validate_rmsd_angle.auth_asym_id_1 
_pdbx_validate_rmsd_angle.auth_comp_id_1 
_pdbx_validate_rmsd_angle.auth_seq_id_1 
_pdbx_validate_rmsd_angle.PDB_ins_code_1 
_pdbx_validate_rmsd_angle.label_alt_id_1 
_pdbx_validate_rmsd_angle.auth_atom_id_2 
_pdbx_validate_rmsd_angle.auth_asym_id_2 
_pdbx_validate_rmsd_angle.auth_comp_id_2 
_pdbx_validate_rmsd_angle.auth_seq_id_2 
_pdbx_validate_rmsd_angle.PDB_ins_code_2 
_pdbx_validate_rmsd_angle.label_alt_id_2 
_pdbx_validate_rmsd_angle.auth_atom_id_3 
_pdbx_validate_rmsd_angle.auth_asym_id_3 
_pdbx_validate_rmsd_angle.auth_comp_id_3 
_pdbx_validate_rmsd_angle.auth_seq_id_3 
_pdbx_validate_rmsd_angle.PDB_ins_code_3 
_pdbx_validate_rmsd_angle.label_alt_id_3 
_pdbx_validate_rmsd_angle.angle_value 
_pdbx_validate_rmsd_angle.angle_target_value 
_pdbx_validate_rmsd_angle.angle_deviation 
_pdbx_validate_rmsd_angle.angle_standard_deviation 
_pdbx_validate_rmsd_angle.linker_flag 
1  1 "C4'" A G 1  ? ? "C3'" A G 1  ? ? "C2'" A G 1  ? ? 96.07  102.60 -6.53 1.00 N 
2  1 "C3'" A G 1  ? ? "C2'" A G 1  ? ? "C1'" A G 1  ? ? 108.27 101.50 6.77  0.80 N 
3  1 "O4'" A G 1  ? ? "C1'" A G 1  ? ? N9    A G 1  ? ? 115.61 108.50 7.11  0.70 N 
4  1 C8    A G 1  ? ? N9    A G 1  ? ? C4    A G 1  ? ? 103.68 106.40 -2.72 0.40 N 
5  1 "O4'" A G 2  ? ? "C1'" A G 2  ? ? N9    A G 2  ? ? 116.42 108.50 7.92  0.70 N 
6  1 "C1'" A G 3  ? ? "O4'" A G 3  ? ? "C4'" A G 3  ? ? 103.97 109.70 -5.73 0.70 N 
7  1 "O4'" A G 3  ? ? "C1'" A G 3  ? ? N9    A G 3  ? ? 116.71 108.50 8.21  0.70 N 
8  1 "C4'" A A 4  ? ? "C3'" A A 4  ? ? "C2'" A A 4  ? ? 95.19  102.60 -7.41 1.00 N 
9  1 "O4'" A C 5  ? ? "C1'" A C 5  ? ? N1    A C 5  ? ? 112.88 108.50 4.38  0.70 N 
10 1 "C2'" A G 7  ? ? "C3'" A G 7  ? ? "O3'" A G 7  ? ? 124.42 113.70 10.72 1.60 N 
11 1 "C3'" A G 7  ? ? "O3'" A G 7  ? ? P     A A 8  ? ? 128.47 119.70 8.77  1.20 Y 
12 1 "O4'" A A 8  ? ? "C1'" A A 8  ? ? N9    A A 8  ? ? 112.99 108.50 4.49  0.70 N 
13 1 "C5'" A C 9  ? ? "C4'" A C 9  ? ? "O4'" A C 9  ? ? 117.00 109.80 7.20  0.90 N 
14 1 "C5'" A U 12 ? ? "C4'" A U 12 ? ? "O4'" A U 12 ? ? 118.76 109.80 8.96  0.90 N 
15 1 "O4'" A A 14 ? ? "C1'" A A 14 ? ? N9    A A 14 ? ? 115.79 108.50 7.29  0.70 N 
16 1 "C1'" A C 15 ? ? "O4'" A C 15 ? ? "C4'" A C 15 ? ? 104.29 109.70 -5.41 0.70 N 
17 1 "O4'" A C 15 ? ? "C1'" A C 15 ? ? N1    A C 15 ? ? 117.91 108.50 9.41  0.70 N 
18 1 "C1'" A G 16 ? ? "O4'" A G 16 ? ? "C4'" A G 16 ? ? 104.52 109.70 -5.18 0.70 N 
19 1 "C2'" A C 17 ? ? "C3'" A C 17 ? ? "O3'" A C 17 ? ? 124.79 113.70 11.09 1.60 N 
20 1 "C3'" A C 17 ? ? "C2'" A C 17 ? ? "C1'" A C 17 ? ? 96.82  101.30 -4.48 0.70 N 
21 1 "C3'" A A 18 ? ? "O3'" A A 18 ? ? P     A G 19 ? ? 127.42 119.70 7.72  1.20 Y 
22 1 "C3'" A G 19 ? ? "O3'" A G 19 ? ? P     A U 20 ? ? 128.46 119.70 8.76  1.20 Y 
23 1 "O4'" A U 20 ? ? "C1'" A U 20 ? ? N1    A U 20 ? ? 113.30 108.50 4.80  0.70 N 
24 1 "O4'" A U 22 ? ? "C1'" A U 22 ? ? N1    A U 22 ? ? 115.59 108.50 7.09  0.70 N 
# 
loop_
_pdbx_validate_planes.id 
_pdbx_validate_planes.PDB_model_num 
_pdbx_validate_planes.auth_comp_id 
_pdbx_validate_planes.auth_asym_id 
_pdbx_validate_planes.auth_seq_id 
_pdbx_validate_planes.PDB_ins_code 
_pdbx_validate_planes.label_alt_id 
_pdbx_validate_planes.rmsd 
_pdbx_validate_planes.type 
1  1 G A 1  ? ? 0.169 'SIDE CHAIN' 
2  1 G A 3  ? ? 0.079 'SIDE CHAIN' 
3  1 A A 4  ? ? 0.123 'SIDE CHAIN' 
4  1 C A 5  ? ? 0.077 'SIDE CHAIN' 
5  1 G A 7  ? ? 0.076 'SIDE CHAIN' 
6  1 C A 9  ? ? 0.137 'SIDE CHAIN' 
7  1 A A 11 ? ? 0.066 'SIDE CHAIN' 
8  1 U A 12 ? ? 0.281 'SIDE CHAIN' 
9  1 G A 19 ? ? 0.122 'SIDE CHAIN' 
10 1 U A 20 ? ? 0.080 'SIDE CHAIN' 
11 1 U A 22 ? ? 0.110 'SIDE CHAIN' 
# 
_pdbx_nmr_ensemble.entry_id                             1TFN 
_pdbx_nmr_ensemble.conformers_calculated_total_number   ? 
_pdbx_nmr_ensemble.conformers_submitted_total_number    1 
_pdbx_nmr_ensemble.conformer_selection_criteria         ? 
# 
_pdbx_nmr_software.classification   refinement 
_pdbx_nmr_software.name             Amber 
_pdbx_nmr_software.version          ? 
_pdbx_nmr_software.authors          KOLLMAN 
_pdbx_nmr_software.ordinal          1 
# 
loop_
_chem_comp_atom.comp_id 
_chem_comp_atom.atom_id 
_chem_comp_atom.type_symbol 
_chem_comp_atom.pdbx_aromatic_flag 
_chem_comp_atom.pdbx_stereo_config 
_chem_comp_atom.pdbx_ordinal 
A OP3    O N N 1   
A P      P N N 2   
A OP1    O N N 3   
A OP2    O N N 4   
A "O5'"  O N N 5   
A "C5'"  C N N 6   
A "C4'"  C N R 7   
A "O4'"  O N N 8   
A "C3'"  C N S 9   
A "O3'"  O N N 10  
A "C2'"  C N R 11  
A "O2'"  O N N 12  
A "C1'"  C N R 13  
A N9     N Y N 14  
A C8     C Y N 15  
A N7     N Y N 16  
A C5     C Y N 17  
A C6     C Y N 18  
A N6     N N N 19  
A N1     N Y N 20  
A C2     C Y N 21  
A N3     N Y N 22  
A C4     C Y N 23  
A HOP3   H N N 24  
A HOP2   H N N 25  
A "H5'"  H N N 26  
A "H5''" H N N 27  
A "H4'"  H N N 28  
A "H3'"  H N N 29  
A "HO3'" H N N 30  
A "H2'"  H N N 31  
A "HO2'" H N N 32  
A "H1'"  H N N 33  
A H8     H N N 34  
A H61    H N N 35  
A H62    H N N 36  
A H2     H N N 37  
C OP3    O N N 38  
C P      P N N 39  
C OP1    O N N 40  
C OP2    O N N 41  
C "O5'"  O N N 42  
C "C5'"  C N N 43  
C "C4'"  C N R 44  
C "O4'"  O N N 45  
C "C3'"  C N S 46  
C "O3'"  O N N 47  
C "C2'"  C N R 48  
C "O2'"  O N N 49  
C "C1'"  C N R 50  
C N1     N N N 51  
C C2     C N N 52  
C O2     O N N 53  
C N3     N N N 54  
C C4     C N N 55  
C N4     N N N 56  
C C5     C N N 57  
C C6     C N N 58  
C HOP3   H N N 59  
C HOP2   H N N 60  
C "H5'"  H N N 61  
C "H5''" H N N 62  
C "H4'"  H N N 63  
C "H3'"  H N N 64  
C "HO3'" H N N 65  
C "H2'"  H N N 66  
C "HO2'" H N N 67  
C "H1'"  H N N 68  
C H41    H N N 69  
C H42    H N N 70  
C H5     H N N 71  
C H6     H N N 72  
G OP3    O N N 73  
G P      P N N 74  
G OP1    O N N 75  
G OP2    O N N 76  
G "O5'"  O N N 77  
G "C5'"  C N N 78  
G "C4'"  C N R 79  
G "O4'"  O N N 80  
G "C3'"  C N S 81  
G "O3'"  O N N 82  
G "C2'"  C N R 83  
G "O2'"  O N N 84  
G "C1'"  C N R 85  
G N9     N Y N 86  
G C8     C Y N 87  
G N7     N Y N 88  
G C5     C Y N 89  
G C6     C N N 90  
G O6     O N N 91  
G N1     N N N 92  
G C2     C N N 93  
G N2     N N N 94  
G N3     N N N 95  
G C4     C Y N 96  
G HOP3   H N N 97  
G HOP2   H N N 98  
G "H5'"  H N N 99  
G "H5''" H N N 100 
G "H4'"  H N N 101 
G "H3'"  H N N 102 
G "HO3'" H N N 103 
G "H2'"  H N N 104 
G "HO2'" H N N 105 
G "H1'"  H N N 106 
G H8     H N N 107 
G H1     H N N 108 
G H21    H N N 109 
G H22    H N N 110 
U OP3    O N N 111 
U P      P N N 112 
U OP1    O N N 113 
U OP2    O N N 114 
U "O5'"  O N N 115 
U "C5'"  C N N 116 
U "C4'"  C N R 117 
U "O4'"  O N N 118 
U "C3'"  C N S 119 
U "O3'"  O N N 120 
U "C2'"  C N R 121 
U "O2'"  O N N 122 
U "C1'"  C N R 123 
U N1     N N N 124 
U C2     C N N 125 
U O2     O N N 126 
U N3     N N N 127 
U C4     C N N 128 
U O4     O N N 129 
U C5     C N N 130 
U C6     C N N 131 
U HOP3   H N N 132 
U HOP2   H N N 133 
U "H5'"  H N N 134 
U "H5''" H N N 135 
U "H4'"  H N N 136 
U "H3'"  H N N 137 
U "HO3'" H N N 138 
U "H2'"  H N N 139 
U "HO2'" H N N 140 
U "H1'"  H N N 141 
U H3     H N N 142 
U H5     H N N 143 
U H6     H N N 144 
# 
loop_
_chem_comp_bond.comp_id 
_chem_comp_bond.atom_id_1 
_chem_comp_bond.atom_id_2 
_chem_comp_bond.value_order 
_chem_comp_bond.pdbx_aromatic_flag 
_chem_comp_bond.pdbx_stereo_config 
_chem_comp_bond.pdbx_ordinal 
A OP3   P      sing N N 1   
A OP3   HOP3   sing N N 2   
A P     OP1    doub N N 3   
A P     OP2    sing N N 4   
A P     "O5'"  sing N N 5   
A OP2   HOP2   sing N N 6   
A "O5'" "C5'"  sing N N 7   
A "C5'" "C4'"  sing N N 8   
A "C5'" "H5'"  sing N N 9   
A "C5'" "H5''" sing N N 10  
A "C4'" "O4'"  sing N N 11  
A "C4'" "C3'"  sing N N 12  
A "C4'" "H4'"  sing N N 13  
A "O4'" "C1'"  sing N N 14  
A "C3'" "O3'"  sing N N 15  
A "C3'" "C2'"  sing N N 16  
A "C3'" "H3'"  sing N N 17  
A "O3'" "HO3'" sing N N 18  
A "C2'" "O2'"  sing N N 19  
A "C2'" "C1'"  sing N N 20  
A "C2'" "H2'"  sing N N 21  
A "O2'" "HO2'" sing N N 22  
A "C1'" N9     sing N N 23  
A "C1'" "H1'"  sing N N 24  
A N9    C8     sing Y N 25  
A N9    C4     sing Y N 26  
A C8    N7     doub Y N 27  
A C8    H8     sing N N 28  
A N7    C5     sing Y N 29  
A C5    C6     sing Y N 30  
A C5    C4     doub Y N 31  
A C6    N6     sing N N 32  
A C6    N1     doub Y N 33  
A N6    H61    sing N N 34  
A N6    H62    sing N N 35  
A N1    C2     sing Y N 36  
A C2    N3     doub Y N 37  
A C2    H2     sing N N 38  
A N3    C4     sing Y N 39  
C OP3   P      sing N N 40  
C OP3   HOP3   sing N N 41  
C P     OP1    doub N N 42  
C P     OP2    sing N N 43  
C P     "O5'"  sing N N 44  
C OP2   HOP2   sing N N 45  
C "O5'" "C5'"  sing N N 46  
C "C5'" "C4'"  sing N N 47  
C "C5'" "H5'"  sing N N 48  
C "C5'" "H5''" sing N N 49  
C "C4'" "O4'"  sing N N 50  
C "C4'" "C3'"  sing N N 51  
C "C4'" "H4'"  sing N N 52  
C "O4'" "C1'"  sing N N 53  
C "C3'" "O3'"  sing N N 54  
C "C3'" "C2'"  sing N N 55  
C "C3'" "H3'"  sing N N 56  
C "O3'" "HO3'" sing N N 57  
C "C2'" "O2'"  sing N N 58  
C "C2'" "C1'"  sing N N 59  
C "C2'" "H2'"  sing N N 60  
C "O2'" "HO2'" sing N N 61  
C "C1'" N1     sing N N 62  
C "C1'" "H1'"  sing N N 63  
C N1    C2     sing N N 64  
C N1    C6     sing N N 65  
C C2    O2     doub N N 66  
C C2    N3     sing N N 67  
C N3    C4     doub N N 68  
C C4    N4     sing N N 69  
C C4    C5     sing N N 70  
C N4    H41    sing N N 71  
C N4    H42    sing N N 72  
C C5    C6     doub N N 73  
C C5    H5     sing N N 74  
C C6    H6     sing N N 75  
G OP3   P      sing N N 76  
G OP3   HOP3   sing N N 77  
G P     OP1    doub N N 78  
G P     OP2    sing N N 79  
G P     "O5'"  sing N N 80  
G OP2   HOP2   sing N N 81  
G "O5'" "C5'"  sing N N 82  
G "C5'" "C4'"  sing N N 83  
G "C5'" "H5'"  sing N N 84  
G "C5'" "H5''" sing N N 85  
G "C4'" "O4'"  sing N N 86  
G "C4'" "C3'"  sing N N 87  
G "C4'" "H4'"  sing N N 88  
G "O4'" "C1'"  sing N N 89  
G "C3'" "O3'"  sing N N 90  
G "C3'" "C2'"  sing N N 91  
G "C3'" "H3'"  sing N N 92  
G "O3'" "HO3'" sing N N 93  
G "C2'" "O2'"  sing N N 94  
G "C2'" "C1'"  sing N N 95  
G "C2'" "H2'"  sing N N 96  
G "O2'" "HO2'" sing N N 97  
G "C1'" N9     sing N N 98  
G "C1'" "H1'"  sing N N 99  
G N9    C8     sing Y N 100 
G N9    C4     sing Y N 101 
G C8    N7     doub Y N 102 
G C8    H8     sing N N 103 
G N7    C5     sing Y N 104 
G C5    C6     sing N N 105 
G C5    C4     doub Y N 106 
G C6    O6     doub N N 107 
G C6    N1     sing N N 108 
G N1    C2     sing N N 109 
G N1    H1     sing N N 110 
G C2    N2     sing N N 111 
G C2    N3     doub N N 112 
G N2    H21    sing N N 113 
G N2    H22    sing N N 114 
G N3    C4     sing N N 115 
U OP3   P      sing N N 116 
U OP3   HOP3   sing N N 117 
U P     OP1    doub N N 118 
U P     OP2    sing N N 119 
U P     "O5'"  sing N N 120 
U OP2   HOP2   sing N N 121 
U "O5'" "C5'"  sing N N 122 
U "C5'" "C4'"  sing N N 123 
U "C5'" "H5'"  sing N N 124 
U "C5'" "H5''" sing N N 125 
U "C4'" "O4'"  sing N N 126 
U "C4'" "C3'"  sing N N 127 
U "C4'" "H4'"  sing N N 128 
U "O4'" "C1'"  sing N N 129 
U "C3'" "O3'"  sing N N 130 
U "C3'" "C2'"  sing N N 131 
U "C3'" "H3'"  sing N N 132 
U "O3'" "HO3'" sing N N 133 
U "C2'" "O2'"  sing N N 134 
U "C2'" "C1'"  sing N N 135 
U "C2'" "H2'"  sing N N 136 
U "O2'" "HO2'" sing N N 137 
U "C1'" N1     sing N N 138 
U "C1'" "H1'"  sing N N 139 
U N1    C2     sing N N 140 
U N1    C6     sing N N 141 
U C2    O2     doub N N 142 
U C2    N3     sing N N 143 
U N3    C4     sing N N 144 
U N3    H3     sing N N 145 
U C4    O4     doub N N 146 
U C4    C5     sing N N 147 
U C5    C6     doub N N 148 
U C5    H5     sing N N 149 
U C6    H6     sing N N 150 
# 
loop_
_ndb_struct_conf_na.entry_id 
_ndb_struct_conf_na.feature 
1TFN 'double helix'         
1TFN 'a-form double helix'  
1TFN 'hairpin loop'         
1TFN 'bulge loop'           
1TFN 'mismatched base pair' 
# 
loop_
_ndb_struct_na_base_pair.model_number 
_ndb_struct_na_base_pair.i_label_asym_id 
_ndb_struct_na_base_pair.i_label_comp_id 
_ndb_struct_na_base_pair.i_label_seq_id 
_ndb_struct_na_base_pair.i_symmetry 
_ndb_struct_na_base_pair.j_label_asym_id 
_ndb_struct_na_base_pair.j_label_comp_id 
_ndb_struct_na_base_pair.j_label_seq_id 
_ndb_struct_na_base_pair.j_symmetry 
_ndb_struct_na_base_pair.shear 
_ndb_struct_na_base_pair.stretch 
_ndb_struct_na_base_pair.stagger 
_ndb_struct_na_base_pair.buckle 
_ndb_struct_na_base_pair.propeller 
_ndb_struct_na_base_pair.opening 
_ndb_struct_na_base_pair.pair_number 
_ndb_struct_na_base_pair.pair_name 
_ndb_struct_na_base_pair.i_auth_asym_id 
_ndb_struct_na_base_pair.i_auth_seq_id 
_ndb_struct_na_base_pair.i_PDB_ins_code 
_ndb_struct_na_base_pair.j_auth_asym_id 
_ndb_struct_na_base_pair.j_auth_seq_id 
_ndb_struct_na_base_pair.j_PDB_ins_code 
_ndb_struct_na_base_pair.hbond_type_28 
_ndb_struct_na_base_pair.hbond_type_12 
1 A G 2  1_555 A U 22 1_555 0.041  2.160  1.289  -17.829 -16.105 60.103 1 A_G2:U22_A  A 2  ? A 22 ? ?  ? 
1 A G 3  1_555 A C 21 1_555 -0.382 -0.091 0.366  -11.209 -8.358  0.163  2 A_G3:C21_A  A 3  ? A 21 ? 19 1 
1 A A 4  1_555 A U 20 1_555 -0.956 -0.454 -0.774 -3.502  -31.406 19.399 3 A_A4:U20_A  A 4  ? A 20 ? 20 1 
1 A C 5  1_555 A G 19 1_555 0.496  -0.315 -0.936 -3.223  -23.932 6.435  4 A_C5:G19_A  A 5  ? A 19 ? 19 1 
1 A U 6  1_555 A A 18 1_555 -0.210 -0.090 0.477  -10.905 -5.428  6.272  5 A_U6:A18_A  A 6  ? A 18 ? 20 1 
1 A G 7  1_555 A C 17 1_555 -0.424 -0.149 -0.393 -10.997 -11.620 -0.869 6 A_G7:C17_A  A 7  ? A 17 ? 19 1 
1 A C 9  1_555 A G 16 1_555 0.480  -0.098 0.279  -7.938  10.356  3.808  7 A_C9:G16_A  A 9  ? A 16 ? 19 1 
1 A G 10 1_555 A C 15 1_555 -0.917 0.150  0.190  14.604  12.735  8.984  8 A_G10:C15_A A 10 ? A 15 ? ?  1 
# 
loop_
_ndb_struct_na_base_pair_step.model_number 
_ndb_struct_na_base_pair_step.i_label_asym_id_1 
_ndb_struct_na_base_pair_step.i_label_comp_id_1 
_ndb_struct_na_base_pair_step.i_label_seq_id_1 
_ndb_struct_na_base_pair_step.i_symmetry_1 
_ndb_struct_na_base_pair_step.j_label_asym_id_1 
_ndb_struct_na_base_pair_step.j_label_comp_id_1 
_ndb_struct_na_base_pair_step.j_label_seq_id_1 
_ndb_struct_na_base_pair_step.j_symmetry_1 
_ndb_struct_na_base_pair_step.i_label_asym_id_2 
_ndb_struct_na_base_pair_step.i_label_comp_id_2 
_ndb_struct_na_base_pair_step.i_label_seq_id_2 
_ndb_struct_na_base_pair_step.i_symmetry_2 
_ndb_struct_na_base_pair_step.j_label_asym_id_2 
_ndb_struct_na_base_pair_step.j_label_comp_id_2 
_ndb_struct_na_base_pair_step.j_label_seq_id_2 
_ndb_struct_na_base_pair_step.j_symmetry_2 
_ndb_struct_na_base_pair_step.shift 
_ndb_struct_na_base_pair_step.slide 
_ndb_struct_na_base_pair_step.rise 
_ndb_struct_na_base_pair_step.tilt 
_ndb_struct_na_base_pair_step.roll 
_ndb_struct_na_base_pair_step.twist 
_ndb_struct_na_base_pair_step.x_displacement 
_ndb_struct_na_base_pair_step.y_displacement 
_ndb_struct_na_base_pair_step.helical_rise 
_ndb_struct_na_base_pair_step.inclination 
_ndb_struct_na_base_pair_step.tip 
_ndb_struct_na_base_pair_step.helical_twist 
_ndb_struct_na_base_pair_step.step_number 
_ndb_struct_na_base_pair_step.step_name 
_ndb_struct_na_base_pair_step.i_auth_asym_id_1 
_ndb_struct_na_base_pair_step.i_auth_seq_id_1 
_ndb_struct_na_base_pair_step.i_PDB_ins_code_1 
_ndb_struct_na_base_pair_step.j_auth_asym_id_1 
_ndb_struct_na_base_pair_step.j_auth_seq_id_1 
_ndb_struct_na_base_pair_step.j_PDB_ins_code_1 
_ndb_struct_na_base_pair_step.i_auth_asym_id_2 
_ndb_struct_na_base_pair_step.i_auth_seq_id_2 
_ndb_struct_na_base_pair_step.i_PDB_ins_code_2 
_ndb_struct_na_base_pair_step.j_auth_asym_id_2 
_ndb_struct_na_base_pair_step.j_auth_seq_id_2 
_ndb_struct_na_base_pair_step.j_PDB_ins_code_2 
1 A G 2 1_555 A U 22 1_555 A G 3  1_555 A C 21 1_555 -1.918 -1.336 3.179 7.301  -3.040 19.018 -2.538 8.251  2.461 -8.728 -20.960 
20.583 1 AA_G2G3:C21U22_AA  A 2 ? A 22 ? A 3  ? A 21 ? 
1 A G 3 1_555 A C 21 1_555 A A 4  1_555 A U 20 1_555 -0.704 -1.925 3.167 6.194  8.529  23.388 -6.375 3.065  2.096 19.800 -14.379 
25.624 2 AA_G3A4:U20C21_AA  A 3 ? A 21 ? A 4  ? A 20 ? 
1 A A 4 1_555 A U 20 1_555 A C 5  1_555 A G 19 1_555 -0.973 -0.475 3.097 -2.526 -1.586 34.568 -0.563 1.260  3.175 -2.662 4.241   
34.693 3 AA_A4C5:G19U20_AA  A 4 ? A 20 ? A 5  ? A 19 ? 
1 A C 5 1_555 A G 19 1_555 A U 6  1_555 A A 18 1_555 0.450  -1.898 3.363 -9.978 17.243 26.944 -5.735 -2.190 1.633 32.033 18.537  
33.399 4 AA_C5U6:A18G19_AA  A 5 ? A 19 ? A 6  ? A 18 ? 
1 A U 6 1_555 A A 18 1_555 A G 7  1_555 A C 17 1_555 -0.281 -1.728 3.028 7.677  6.855  27.445 -4.685 1.973  2.373 13.847 -15.507 
29.277 5 AA_U6G7:C17A18_AA  A 6 ? A 18 ? A 7  ? A 17 ? 
1 A G 7 1_555 A C 17 1_555 A C 9  1_555 A G 16 1_555 -1.342 -0.224 5.824 21.131 13.463 55.126 -1.370 3.139  4.898 13.783 -21.633 
60.144 6 AA_G7C9:G16C17_AA  A 7 ? A 17 ? A 9  ? A 16 ? 
1 A C 9 1_555 A G 16 1_555 A G 10 1_555 A C 15 1_555 -0.320 -1.533 2.428 -1.579 12.098 11.565 -9.658 0.521  0.605 46.297 6.041   
16.796 7 AA_C9G10:C15G16_AA A 9 ? A 16 ? A 10 ? A 15 ? 
# 
_atom_sites.entry_id                    1TFN 
_atom_sites.fract_transf_matrix[1][1]   1.000000 
_atom_sites.fract_transf_matrix[1][2]   0.000000 
_atom_sites.fract_transf_matrix[1][3]   0.000000 
_atom_sites.fract_transf_matrix[2][1]   0.000000 
_atom_sites.fract_transf_matrix[2][2]   1.000000 
_atom_sites.fract_transf_matrix[2][3]   0.000000 
_atom_sites.fract_transf_matrix[3][1]   0.000000 
_atom_sites.fract_transf_matrix[3][2]   0.000000 
_atom_sites.fract_transf_matrix[3][3]   1.000000 
_atom_sites.fract_transf_vector[1]      0.00000 
_atom_sites.fract_transf_vector[2]      0.00000 
_atom_sites.fract_transf_vector[3]      0.00000 
# 
loop_
_atom_type.symbol 
C 
H 
N 
O 
P 
# 
loop_
_atom_site.group_PDB 
_atom_site.id 
_atom_site.type_symbol 
_atom_site.label_atom_id 
_atom_site.label_alt_id 
_atom_site.label_comp_id 
_atom_site.label_asym_id 
_atom_site.label_entity_id 
_atom_site.label_seq_id 
_atom_site.pdbx_PDB_ins_code 
_atom_site.Cartn_x 
_atom_site.Cartn_y 
_atom_site.Cartn_z 
_atom_site.occupancy 
_atom_site.B_iso_or_equiv 
_atom_site.pdbx_formal_charge 
_atom_site.auth_seq_id 
_atom_site.auth_comp_id 
_atom_site.auth_asym_id 
_atom_site.auth_atom_id 
_atom_site.pdbx_PDB_model_num 
ATOM 1   O "O5'"  . G A 1 1  ? -6.678  -13.881 12.855  1.00 0.00 ? 1  G A "O5'"  1 
ATOM 2   C "C5'"  . G A 1 1  ? -5.514  -13.641 13.622  1.00 0.00 ? 1  G A "C5'"  1 
ATOM 3   C "C4'"  . G A 1 1  ? -4.621  -12.641 12.913  1.00 0.00 ? 1  G A "C4'"  1 
ATOM 4   O "O4'"  . G A 1 1  ? -5.415  -11.584 12.398  1.00 0.00 ? 1  G A "O4'"  1 
ATOM 5   C "C3'"  . G A 1 1  ? -3.571  -12.002 13.833  1.00 0.00 ? 1  G A "C3'"  1 
ATOM 6   O "O3'"  . G A 1 1  ? -2.457  -12.903 13.986  1.00 0.00 ? 1  G A "O3'"  1 
ATOM 7   C "C2'"  . G A 1 1  ? -3.301  -10.795 12.953  1.00 0.00 ? 1  G A "C2'"  1 
ATOM 8   O "O2'"  . G A 1 1  ? -2.532  -11.307 11.929  1.00 0.00 ? 1  G A "O2'"  1 
ATOM 9   C "C1'"  . G A 1 1  ? -4.557  -10.502 12.147  1.00 0.00 ? 1  G A "C1'"  1 
ATOM 10  N N9     . G A 1 1  ? -5.146  -9.183  12.308  1.00 0.00 ? 1  G A N9     1 
ATOM 11  C C8     . G A 1 1  ? -5.018  -8.229  13.297  1.00 0.00 ? 1  G A C8     1 
ATOM 12  N N7     . G A 1 1  ? -5.412  -7.038  12.938  1.00 0.00 ? 1  G A N7     1 
ATOM 13  C C5     . G A 1 1  ? -5.814  -7.211  11.635  1.00 0.00 ? 1  G A C5     1 
ATOM 14  C C6     . G A 1 1  ? -6.301  -6.227  10.642  1.00 0.00 ? 1  G A C6     1 
ATOM 15  O O6     . G A 1 1  ? -6.626  -5.089  10.825  1.00 0.00 ? 1  G A O6     1 
ATOM 16  N N1     . G A 1 1  ? -6.329  -6.788  9.353   1.00 0.00 ? 1  G A N1     1 
ATOM 17  C C2     . G A 1 1  ? -6.099  -8.121  9.113   1.00 0.00 ? 1  G A C2     1 
ATOM 18  N N2     . G A 1 1  ? -5.750  -8.431  7.803   1.00 0.00 ? 1  G A N2     1 
ATOM 19  N N3     . G A 1 1  ? -5.854  -9.025  9.987   1.00 0.00 ? 1  G A N3     1 
ATOM 20  C C4     . G A 1 1  ? -5.690  -8.482  11.246  1.00 0.00 ? 1  G A C4     1 
ATOM 21  H "H5'"  . G A 1 1  ? -4.957  -14.569 13.751  1.00 0.00 ? 1  G A "H5'"  1 
ATOM 22  H "H5''" . G A 1 1  ? -5.796  -13.226 14.590  1.00 0.00 ? 1  G A "H5''" 1 
ATOM 23  H "H4'"  . G A 1 1  ? -4.097  -13.162 12.111  1.00 0.00 ? 1  G A "H4'"  1 
ATOM 24  H "H3'"  . G A 1 1  ? -4.019  -11.687 14.775  1.00 0.00 ? 1  G A "H3'"  1 
ATOM 25  H "H2'"  . G A 1 1  ? -2.866  -9.934  13.460  1.00 0.00 ? 1  G A "H2'"  1 
ATOM 26  H "HO2'" . G A 1 1  ? -2.299  -10.582 11.344  1.00 0.00 ? 1  G A "HO2'" 1 
ATOM 27  H "H1'"  . G A 1 1  ? -4.297  -10.544 11.089  1.00 0.00 ? 1  G A "H1'"  1 
ATOM 28  H H8     . G A 1 1  ? -4.601  -8.464  14.265  1.00 0.00 ? 1  G A H8     1 
ATOM 29  H H1     . G A 1 1  ? -6.506  -6.150  8.590   1.00 0.00 ? 1  G A H1     1 
ATOM 30  H H21    . G A 1 1  ? -5.557  -7.683  7.152   1.00 0.00 ? 1  G A H21    1 
ATOM 31  H H22    . G A 1 1  ? -5.288  -9.324  7.711   1.00 0.00 ? 1  G A H22    1 
ATOM 32  H "HO5'" . G A 1 1  ? -6.544  -14.662 12.314  1.00 0.00 ? 1  G A "HO5'" 1 
ATOM 33  P P      . G A 1 2  ? -1.019  -12.547 14.689  1.00 0.00 ? 2  G A P      1 
ATOM 34  O "O5'"  . G A 1 2  ? 0.106   -12.160 13.563  1.00 0.00 ? 2  G A "O5'"  1 
ATOM 35  C "C5'"  . G A 1 2  ? -0.084  -11.073 12.681  1.00 0.00 ? 2  G A "C5'"  1 
ATOM 36  C "C4'"  . G A 1 2  ? 1.069   -10.173 12.267  1.00 0.00 ? 2  G A "C4'"  1 
ATOM 37  O "O4'"  . G A 1 2  ? 0.947   -9.921  10.861  1.00 0.00 ? 2  G A "O4'"  1 
ATOM 38  C "C3'"  . G A 1 2  ? 0.905   -8.795  12.907  1.00 0.00 ? 2  G A "C3'"  1 
ATOM 39  O "O3'"  . G A 1 2  ? 2.175   -8.195  12.771  1.00 0.00 ? 2  G A "O3'"  1 
ATOM 40  C "C2'"  . G A 1 2  ? -0.195  -8.208  12.017  1.00 0.00 ? 2  G A "C2'"  1 
ATOM 41  O "O2'"  . G A 1 2  ? -0.383  -6.814  12.028  1.00 0.00 ? 2  G A "O2'"  1 
ATOM 42  C "C1'"  . G A 1 2  ? 0.233   -8.705  10.643  1.00 0.00 ? 2  G A "C1'"  1 
ATOM 43  N N9     . G A 1 2  ? -0.938  -8.778  9.725   1.00 0.00 ? 2  G A N9     1 
ATOM 44  C C8     . G A 1 2  ? -2.286  -8.641  9.981   1.00 0.00 ? 2  G A C8     1 
ATOM 45  N N7     . G A 1 2  ? -3.041  -8.673  8.925   1.00 0.00 ? 2  G A N7     1 
ATOM 46  C C5     . G A 1 2  ? -2.157  -8.837  7.878   1.00 0.00 ? 2  G A C5     1 
ATOM 47  C C6     . G A 1 2  ? -2.408  -8.996  6.481   1.00 0.00 ? 2  G A C6     1 
ATOM 48  O O6     . G A 1 2  ? -3.482  -8.952  5.882   1.00 0.00 ? 2  G A O6     1 
ATOM 49  N N1     . G A 1 2  ? -1.246  -9.249  5.771   1.00 0.00 ? 2  G A N1     1 
ATOM 50  C C2     . G A 1 2  ? -0.004  -9.284  6.351   1.00 0.00 ? 2  G A C2     1 
ATOM 51  N N2     . G A 1 2  ? 1.004   -9.431  5.523   1.00 0.00 ? 2  G A N2     1 
ATOM 52  N N3     . G A 1 2  ? 0.258   -9.112  7.647   1.00 0.00 ? 2  G A N3     1 
ATOM 53  C C4     . G A 1 2  ? -0.869  -8.904  8.361   1.00 0.00 ? 2  G A C4     1 
ATOM 54  H "H5'"  . G A 1 2  ? -0.816  -10.431 13.170  1.00 0.00 ? 2  G A "H5'"  1 
ATOM 55  H "H5''" . G A 1 2  ? -0.374  -11.517 11.728  1.00 0.00 ? 2  G A "H5''" 1 
ATOM 56  H "H4'"  . G A 1 2  ? 2.012   -10.658 12.524  1.00 0.00 ? 2  G A "H4'"  1 
ATOM 57  H "H3'"  . G A 1 2  ? 0.590   -8.864  13.949  1.00 0.00 ? 2  G A "H3'"  1 
ATOM 58  H "H2'"  . G A 1 2  ? -1.153  -8.637  12.311  1.00 0.00 ? 2  G A "H2'"  1 
ATOM 59  H "HO2'" . G A 1 2  ? -1.030  -6.602  11.351  1.00 0.00 ? 2  G A "HO2'" 1 
ATOM 60  H "H1'"  . G A 1 2  ? 0.954   -8.004  10.223  1.00 0.00 ? 2  G A "H1'"  1 
ATOM 61  H H8     . G A 1 2  ? -2.727  -8.522  10.959  1.00 0.00 ? 2  G A H8     1 
ATOM 62  H H1     . G A 1 2  ? -1.319  -9.382  4.772   1.00 0.00 ? 2  G A H1     1 
ATOM 63  H H21    . G A 1 2  ? 0.869   -9.565  4.530   1.00 0.00 ? 2  G A H21    1 
ATOM 64  H H22    . G A 1 2  ? 1.938   -9.464  5.905   1.00 0.00 ? 2  G A H22    1 
ATOM 65  P P      . G A 1 3  ? 2.595   -6.900  13.602  1.00 0.00 ? 3  G A P      1 
ATOM 66  O "O5'"  . G A 1 3  ? 2.020   -5.702  12.703  1.00 0.00 ? 3  G A "O5'"  1 
ATOM 67  C "C5'"  . G A 1 3  ? 2.842   -4.829  11.963  1.00 0.00 ? 3  G A "C5'"  1 
ATOM 68  C "C4'"  . G A 1 3  ? 3.263   -5.358  10.590  1.00 0.00 ? 3  G A "C4'"  1 
ATOM 69  O "O4'"  . G A 1 3  ? 2.187   -5.891  9.833   1.00 0.00 ? 3  G A "O4'"  1 
ATOM 70  C "C3'"  . G A 1 3  ? 3.831   -4.191  9.760   1.00 0.00 ? 3  G A "C3'"  1 
ATOM 71  O "O3'"  . G A 1 3  ? 5.244   -4.279  9.704   1.00 0.00 ? 3  G A "O3'"  1 
ATOM 72  C "C2'"  . G A 1 3  ? 3.098   -4.356  8.425   1.00 0.00 ? 3  G A "C2'"  1 
ATOM 73  O "O2'"  . G A 1 3  ? 3.854   -4.108  7.265   1.00 0.00 ? 3  G A "O2'"  1 
ATOM 74  C "C1'"  . G A 1 3  ? 2.631   -5.798  8.499   1.00 0.00 ? 3  G A "C1'"  1 
ATOM 75  N N9     . G A 1 3  ? 1.629   -6.058  7.447   1.00 0.00 ? 3  G A N9     1 
ATOM 76  C C8     . G A 1 3  ? 0.271   -5.863  7.434   1.00 0.00 ? 3  G A C8     1 
ATOM 77  N N7     . G A 1 3  ? -0.279  -6.059  6.265   1.00 0.00 ? 3  G A N7     1 
ATOM 78  C C5     . G A 1 3  ? 0.786   -6.437  5.447   1.00 0.00 ? 3  G A C5     1 
ATOM 79  C C6     . G A 1 3  ? 0.803   -6.918  4.098   1.00 0.00 ? 3  G A C6     1 
ATOM 80  O O6     . G A 1 3  ? -0.138  -7.015  3.314   1.00 0.00 ? 3  G A O6     1 
ATOM 81  N N1     . G A 1 3  ? 2.056   -7.414  3.726   1.00 0.00 ? 3  G A N1     1 
ATOM 82  C C2     . G A 1 3  ? 3.172   -7.413  4.543   1.00 0.00 ? 3  G A C2     1 
ATOM 83  N N2     . G A 1 3  ? 4.288   -7.995  4.098   1.00 0.00 ? 3  G A N2     1 
ATOM 84  N N3     . G A 1 3  ? 3.164   -6.930  5.790   1.00 0.00 ? 3  G A N3     1 
ATOM 85  C C4     . G A 1 3  ? 1.942   -6.486  6.185   1.00 0.00 ? 3  G A C4     1 
ATOM 86  H "H5'"  . G A 1 3  ? 3.736   -4.580  12.536  1.00 0.00 ? 3  G A "H5'"  1 
ATOM 87  H "H5''" . G A 1 3  ? 2.252   -3.923  11.825  1.00 0.00 ? 3  G A "H5''" 1 
ATOM 88  H "H4'"  . G A 1 3  ? 4.014   -6.141  10.698  1.00 0.00 ? 3  G A "H4'"  1 
ATOM 89  H "H3'"  . G A 1 3  ? 3.548   -3.237  10.205  1.00 0.00 ? 3  G A "H3'"  1 
ATOM 90  H "H2'"  . G A 1 3  ? 2.221   -3.709  8.429   1.00 0.00 ? 3  G A "H2'"  1 
ATOM 91  H "HO2'" . G A 1 3  ? 3.325   -4.357  6.504   1.00 0.00 ? 3  G A "HO2'" 1 
ATOM 92  H "H1'"  . G A 1 3  ? 3.483   -6.464  8.361   1.00 0.00 ? 3  G A "H1'"  1 
ATOM 93  H H8     . G A 1 3  ? -0.290  -5.575  8.311   1.00 0.00 ? 3  G A H8     1 
ATOM 94  H H1     . G A 1 3  ? 2.115   -7.871  2.827   1.00 0.00 ? 3  G A H1     1 
ATOM 95  H H21    . G A 1 3  ? 4.331   -8.404  3.175   1.00 0.00 ? 3  G A H21    1 
ATOM 96  H H22    . G A 1 3  ? 5.106   -8.013  4.690   1.00 0.00 ? 3  G A H22    1 
ATOM 97  P P      . A A 1 4  ? 6.162   -3.047  9.207   1.00 0.00 ? 4  A A P      1 
ATOM 98  O "O5'"  . A A 1 4  ? 6.565   -3.497  7.726   1.00 0.00 ? 4  A A "O5'"  1 
ATOM 99  C "C5'"  . A A 1 4  ? 7.341   -4.657  7.535   1.00 0.00 ? 4  A A "C5'"  1 
ATOM 100 C "C4'"  . A A 1 4  ? 7.583   -4.924  6.065   1.00 0.00 ? 4  A A "C4'"  1 
ATOM 101 O "O4'"  . A A 1 4  ? 6.513   -5.642  5.496   1.00 0.00 ? 4  A A "O4'"  1 
ATOM 102 C "C3'"  . A A 1 4  ? 7.786   -3.697  5.180   1.00 0.00 ? 4  A A "C3'"  1 
ATOM 103 O "O3'"  . A A 1 4  ? 9.005   -3.055  5.553   1.00 0.00 ? 4  A A "O3'"  1 
ATOM 104 C "C2'"  . A A 1 4  ? 7.746   -4.469  3.860   1.00 0.00 ? 4  A A "C2'"  1 
ATOM 105 O "O2'"  . A A 1 4  ? 8.949   -5.185  3.648   1.00 0.00 ? 4  A A "O2'"  1 
ATOM 106 C "C1'"  . A A 1 4  ? 6.657   -5.504  4.105   1.00 0.00 ? 4  A A "C1'"  1 
ATOM 107 N N9     . A A 1 4  ? 5.395   -5.065  3.497   1.00 0.00 ? 4  A A N9     1 
ATOM 108 C C8     . A A 1 4  ? 4.417   -4.220  3.959   1.00 0.00 ? 4  A A C8     1 
ATOM 109 N N7     . A A 1 4  ? 3.322   -4.247  3.246   1.00 0.00 ? 4  A A N7     1 
ATOM 110 C C5     . A A 1 4  ? 3.642   -5.112  2.203   1.00 0.00 ? 4  A A C5     1 
ATOM 111 C C6     . A A 1 4  ? 2.930   -5.608  1.097   1.00 0.00 ? 4  A A C6     1 
ATOM 112 N N6     . A A 1 4  ? 1.632   -5.357  0.883   1.00 0.00 ? 4  A A N6     1 
ATOM 113 N N1     . A A 1 4  ? 3.604   -6.350  0.202   1.00 0.00 ? 4  A A N1     1 
ATOM 114 C C2     . A A 1 4  ? 4.898   -6.601  0.379   1.00 0.00 ? 4  A A C2     1 
ATOM 115 N N3     . A A 1 4  ? 5.656   -6.259  1.406   1.00 0.00 ? 4  A A N3     1 
ATOM 116 C C4     . A A 1 4  ? 4.948   -5.512  2.292   1.00 0.00 ? 4  A A C4     1 
ATOM 117 H "H5'"  . A A 1 4  ? 6.834   -5.532  7.942   1.00 0.00 ? 4  A A "H5'"  1 
ATOM 118 H "H5''" . A A 1 4  ? 8.309   -4.541  8.022   1.00 0.00 ? 4  A A "H5''" 1 
ATOM 119 H "H4'"  . A A 1 4  ? 8.477   -5.543  6.003   1.00 0.00 ? 4  A A "H4'"  1 
ATOM 120 H "H3'"  . A A 1 4  ? 6.933   -3.018  5.216   1.00 0.00 ? 4  A A "H3'"  1 
ATOM 121 H "H2'"  . A A 1 4  ? 7.449   -3.842  3.019   1.00 0.00 ? 4  A A "H2'"  1 
ATOM 122 H "HO2'" . A A 1 4  ? 8.897   -5.597  2.783   1.00 0.00 ? 4  A A "HO2'" 1 
ATOM 123 H "H1'"  . A A 1 4  ? 6.946   -6.464  3.677   1.00 0.00 ? 4  A A "H1'"  1 
ATOM 124 H H8     . A A 1 4  ? 4.531   -3.610  4.843   1.00 0.00 ? 4  A A H8     1 
ATOM 125 H H61    . A A 1 4  ? 1.166   -5.746  0.075   1.00 0.00 ? 4  A A H61    1 
ATOM 126 H H62    . A A 1 4  ? 1.121   -4.779  1.534   1.00 0.00 ? 4  A A H62    1 
ATOM 127 H H2     . A A 1 4  ? 5.390   -7.185  -0.384  1.00 0.00 ? 4  A A H2     1 
ATOM 128 P P      . C A 1 5  ? 9.712   -1.871  4.709   1.00 0.00 ? 5  C A P      1 
ATOM 129 O "O5'"  . C A 1 5  ? 9.676   -2.541  3.264   1.00 0.00 ? 5  C A "O5'"  1 
ATOM 130 C "C5'"  . C A 1 5  ? 10.605  -2.307  2.238   1.00 0.00 ? 5  C A "C5'"  1 
ATOM 131 C "C4'"  . C A 1 5  ? 10.222  -3.240  1.077   1.00 0.00 ? 5  C A "C4'"  1 
ATOM 132 O "O4'"  . C A 1 5  ? 9.042   -3.981  1.317   1.00 0.00 ? 5  C A "O4'"  1 
ATOM 133 C "C3'"  . C A 1 5  ? 9.907   -2.524  -0.222  1.00 0.00 ? 5  C A "C3'"  1 
ATOM 134 O "O3'"  . C A 1 5  ? 11.086  -2.004  -0.798  1.00 0.00 ? 5  C A "O3'"  1 
ATOM 135 C "C2'"  . C A 1 5  ? 9.247   -3.668  -0.989  1.00 0.00 ? 5  C A "C2'"  1 
ATOM 136 O "O2'"  . C A 1 5  ? 10.180  -4.667  -1.353  1.00 0.00 ? 5  C A "O2'"  1 
ATOM 137 C "C1'"  . C A 1 5  ? 8.338   -4.209  0.116   1.00 0.00 ? 5  C A "C1'"  1 
ATOM 138 N N1     . C A 1 5  ? 7.001   -3.543  0.090   1.00 0.00 ? 5  C A N1     1 
ATOM 139 C C2     . C A 1 5  ? 6.125   -3.953  -0.909  1.00 0.00 ? 5  C A C2     1 
ATOM 140 O O2     . C A 1 5  ? 6.522   -4.675  -1.820  1.00 0.00 ? 5  C A O2     1 
ATOM 141 N N3     . C A 1 5  ? 4.829   -3.533  -0.858  1.00 0.00 ? 5  C A N3     1 
ATOM 142 C C4     . C A 1 5  ? 4.398   -2.733  0.127   1.00 0.00 ? 5  C A C4     1 
ATOM 143 N N4     . C A 1 5  ? 3.120   -2.342  0.122   1.00 0.00 ? 5  C A N4     1 
ATOM 144 C C5     . C A 1 5  ? 5.302   -2.222  1.114   1.00 0.00 ? 5  C A C5     1 
ATOM 145 C C6     . C A 1 5  ? 6.591   -2.629  1.035   1.00 0.00 ? 5  C A C6     1 
ATOM 146 H "H5'"  . C A 1 5  ? 11.613  -2.558  2.570   1.00 0.00 ? 5  C A "H5'"  1 
ATOM 147 H "H5''" . C A 1 5  ? 10.569  -1.257  1.947   1.00 0.00 ? 5  C A "H5''" 1 
ATOM 148 H "H4'"  . C A 1 5  ? 11.022  -3.964  0.925   1.00 0.00 ? 5  C A "H4'"  1 
ATOM 149 H "H3'"  . C A 1 5  ? 9.156   -1.753  -0.044  1.00 0.00 ? 5  C A "H3'"  1 
ATOM 150 H "H2'"  . C A 1 5  ? 8.693   -3.332  -1.867  1.00 0.00 ? 5  C A "H2'"  1 
ATOM 151 H "HO2'" . C A 1 5  ? 9.695   -5.435  -1.668  1.00 0.00 ? 5  C A "HO2'" 1 
ATOM 152 H "H1'"  . C A 1 5  ? 8.194   -5.287  0.037   1.00 0.00 ? 5  C A "H1'"  1 
ATOM 153 H H41    . C A 1 5  ? 2.528   -2.613  -0.649  1.00 0.00 ? 5  C A H41    1 
ATOM 154 H H42    . C A 1 5  ? 2.770   -1.718  0.834   1.00 0.00 ? 5  C A H42    1 
ATOM 155 H H5     . C A 1 5  ? 5.004   -1.544  1.901   1.00 0.00 ? 5  C A H5     1 
ATOM 156 H H6     . C A 1 5  ? 7.297   -2.209  1.738   1.00 0.00 ? 5  C A H6     1 
ATOM 157 P P      . U A 1 6  ? 11.249  -0.428  -1.089  1.00 0.00 ? 6  U A P      1 
ATOM 158 O "O5'"  . U A 1 6  ? 10.238  -0.245  -2.326  1.00 0.00 ? 6  U A "O5'"  1 
ATOM 159 C "C5'"  . U A 1 6  ? 10.547  -0.886  -3.545  1.00 0.00 ? 6  U A "C5'"  1 
ATOM 160 C "C4'"  . U A 1 6  ? 9.478   -0.781  -4.625  1.00 0.00 ? 6  U A "C4'"  1 
ATOM 161 O "O4'"  . U A 1 6  ? 8.442   -1.710  -4.382  1.00 0.00 ? 6  U A "O4'"  1 
ATOM 162 C "C3'"  . U A 1 6  ? 8.772   0.562   -4.839  1.00 0.00 ? 6  U A "C3'"  1 
ATOM 163 O "O3'"  . U A 1 6  ? 9.595   1.575   -5.399  1.00 0.00 ? 6  U A "O3'"  1 
ATOM 164 C "C2'"  . U A 1 6  ? 7.682   0.050   -5.782  1.00 0.00 ? 6  U A "C2'"  1 
ATOM 165 O "O2'"  . U A 1 6  ? 8.214   -0.238  -7.063  1.00 0.00 ? 6  U A "O2'"  1 
ATOM 166 C "C1'"  . U A 1 6  ? 7.294   -1.257  -5.076  1.00 0.00 ? 6  U A "C1'"  1 
ATOM 167 N N1     . U A 1 6  ? 6.167   -1.001  -4.141  1.00 0.00 ? 6  U A N1     1 
ATOM 168 C C2     . U A 1 6  ? 4.908   -0.883  -4.717  1.00 0.00 ? 6  U A C2     1 
ATOM 169 O O2     . U A 1 6  ? 4.712   -1.040  -5.920  1.00 0.00 ? 6  U A O2     1 
ATOM 170 N N3     . U A 1 6  ? 3.869   -0.577  -3.858  1.00 0.00 ? 6  U A N3     1 
ATOM 171 C C4     . U A 1 6  ? 3.963   -0.359  -2.496  1.00 0.00 ? 6  U A C4     1 
ATOM 172 O O4     . U A 1 6  ? 2.956   -0.113  -1.838  1.00 0.00 ? 6  U A O4     1 
ATOM 173 C C5     . U A 1 6  ? 5.311   -0.463  -1.979  1.00 0.00 ? 6  U A C5     1 
ATOM 174 C C6     . U A 1 6  ? 6.348   -0.781  -2.791  1.00 0.00 ? 6  U A C6     1 
ATOM 175 H "H5'"  . U A 1 6  ? 10.681  -1.951  -3.351  1.00 0.00 ? 6  U A "H5'"  1 
ATOM 176 H "H5''" . U A 1 6  ? 11.480  -0.480  -3.933  1.00 0.00 ? 6  U A "H5''" 1 
ATOM 177 H "H4'"  . U A 1 6  ? 9.964   -1.080  -5.553  1.00 0.00 ? 6  U A "H4'"  1 
ATOM 178 H "H3'"  . U A 1 6  ? 8.329   0.894   -3.901  1.00 0.00 ? 6  U A "H3'"  1 
ATOM 179 H "H2'"  . U A 1 6  ? 6.840   0.733   -5.897  1.00 0.00 ? 6  U A "H2'"  1 
ATOM 180 H "HO2'" . U A 1 6  ? 7.522   -0.631  -7.599  1.00 0.00 ? 6  U A "HO2'" 1 
ATOM 181 H "H1'"  . U A 1 6  ? 7.015   -2.021  -5.802  1.00 0.00 ? 6  U A "H1'"  1 
ATOM 182 H H3     . U A 1 6  ? 2.950   -0.492  -4.267  1.00 0.00 ? 6  U A H3     1 
ATOM 183 H H5     . U A 1 6  ? 5.492   -0.272  -0.931  1.00 0.00 ? 6  U A H5     1 
ATOM 184 H H6     . U A 1 6  ? 7.334   -0.846  -2.355  1.00 0.00 ? 6  U A H6     1 
ATOM 185 P P      . G A 1 7  ? 9.186   3.142   -5.323  1.00 0.00 ? 7  G A P      1 
ATOM 186 O "O5'"  . G A 1 7  ? 7.861   3.277   -6.244  1.00 0.00 ? 7  G A "O5'"  1 
ATOM 187 C "C5'"  . G A 1 7  ? 7.965   3.464   -7.644  1.00 0.00 ? 7  G A "C5'"  1 
ATOM 188 C "C4'"  . G A 1 7  ? 6.655   3.251   -8.413  1.00 0.00 ? 7  G A "C4'"  1 
ATOM 189 O "O4'"  . G A 1 7  ? 6.113   1.953   -8.198  1.00 0.00 ? 7  G A "O4'"  1 
ATOM 190 C "C3'"  . G A 1 7  ? 5.492   4.209   -8.134  1.00 0.00 ? 7  G A "C3'"  1 
ATOM 191 O "O3'"  . G A 1 7  ? 5.709   5.618   -8.259  1.00 0.00 ? 7  G A "O3'"  1 
ATOM 192 C "C2'"  . G A 1 7  ? 4.383   3.427   -8.873  1.00 0.00 ? 7  G A "C2'"  1 
ATOM 193 O "O2'"  . G A 1 7  ? 4.541   3.403   -10.277 1.00 0.00 ? 7  G A "O2'"  1 
ATOM 194 C "C1'"  . G A 1 7  ? 4.694   2.034   -8.302  1.00 0.00 ? 7  G A "C1'"  1 
ATOM 195 N N9     . G A 1 7  ? 4.054   1.949   -6.963  1.00 0.00 ? 7  G A N9     1 
ATOM 196 C C8     . G A 1 7  ? 4.594   2.207   -5.724  1.00 0.00 ? 7  G A C8     1 
ATOM 197 N N7     . G A 1 7  ? 3.722   2.340   -4.769  1.00 0.00 ? 7  G A N7     1 
ATOM 198 C C5     . G A 1 7  ? 2.507   2.154   -5.411  1.00 0.00 ? 7  G A C5     1 
ATOM 199 C C6     . G A 1 7  ? 1.186   2.259   -4.896  1.00 0.00 ? 7  G A C6     1 
ATOM 200 O O6     . G A 1 7  ? 0.849   2.483   -3.735  1.00 0.00 ? 7  G A O6     1 
ATOM 201 N N1     . G A 1 7  ? 0.217   2.089   -5.881  1.00 0.00 ? 7  G A N1     1 
ATOM 202 C C2     . G A 1 7  ? 0.492   1.888   -7.222  1.00 0.00 ? 7  G A C2     1 
ATOM 203 N N2     . G A 1 7  ? -0.544  1.832   -8.064  1.00 0.00 ? 7  G A N2     1 
ATOM 204 N N3     . G A 1 7  ? 1.736   1.786   -7.707  1.00 0.00 ? 7  G A N3     1 
ATOM 205 C C4     . G A 1 7  ? 2.696   1.921   -6.752  1.00 0.00 ? 7  G A C4     1 
ATOM 206 H "H5'"  . G A 1 7  ? 8.688   2.750   -8.040  1.00 0.00 ? 7  G A "H5'"  1 
ATOM 207 H "H5''" . G A 1 7  ? 8.320   4.474   -7.843  1.00 0.00 ? 7  G A "H5''" 1 
ATOM 208 H "H4'"  . G A 1 7  ? 6.904   3.320   -9.472  1.00 0.00 ? 7  G A "H4'"  1 
ATOM 209 H "H3'"  . G A 1 7  ? 5.268   4.165   -7.068  1.00 0.00 ? 7  G A "H3'"  1 
ATOM 210 H "H2'"  . G A 1 7  ? 3.352   3.694   -8.644  1.00 0.00 ? 7  G A "H2'"  1 
ATOM 211 H "HO2'" . G A 1 7  ? 3.873   2.816   -10.640 1.00 0.00 ? 7  G A "HO2'" 1 
ATOM 212 H "H1'"  . G A 1 7  ? 4.308   1.234   -8.934  1.00 0.00 ? 7  G A "H1'"  1 
ATOM 213 H H8     . G A 1 7  ? 5.645   2.381   -5.545  1.00 0.00 ? 7  G A H8     1 
ATOM 214 H H1     . G A 1 7  ? -0.745  2.156   -5.580  1.00 0.00 ? 7  G A H1     1 
ATOM 215 H H21    . G A 1 7  ? -1.487  1.939   -7.719  1.00 0.00 ? 7  G A H21    1 
ATOM 216 H H22    . G A 1 7  ? -0.381  1.714   -9.054  1.00 0.00 ? 7  G A H22    1 
ATOM 217 P P      . A A 1 8  ? 5.891   6.492   -9.607  1.00 0.00 ? 8  A A P      1 
ATOM 218 O "O5'"  . A A 1 8  ? 4.376   6.625   -10.121 1.00 0.00 ? 8  A A "O5'"  1 
ATOM 219 C "C5'"  . A A 1 8  ? 4.019   6.585   -11.486 1.00 0.00 ? 8  A A "C5'"  1 
ATOM 220 C "C4'"  . A A 1 8  ? 2.496   6.463   -11.562 1.00 0.00 ? 8  A A "C4'"  1 
ATOM 221 O "O4'"  . A A 1 8  ? 2.141   5.291   -10.849 1.00 0.00 ? 8  A A "O4'"  1 
ATOM 222 C "C3'"  . A A 1 8  ? 1.704   7.607   -10.922 1.00 0.00 ? 8  A A "C3'"  1 
ATOM 223 O "O3'"  . A A 1 8  ? 1.339   8.641   -11.811 1.00 0.00 ? 8  A A "O3'"  1 
ATOM 224 C "C2'"  . A A 1 8  ? 0.414   6.888   -10.547 1.00 0.00 ? 8  A A "C2'"  1 
ATOM 225 O "O2'"  . A A 1 8  ? -0.527  6.848   -11.595 1.00 0.00 ? 8  A A "O2'"  1 
ATOM 226 C "C1'"  . A A 1 8  ? 0.855   5.457   -10.289 1.00 0.00 ? 8  A A "C1'"  1 
ATOM 227 N N9     . A A 1 8  ? 0.837   5.283   -8.829  1.00 0.00 ? 8  A A N9     1 
ATOM 228 C C8     . A A 1 8  ? 1.843   5.470   -7.917  1.00 0.00 ? 8  A A C8     1 
ATOM 229 N N7     . A A 1 8  ? 1.476   5.318   -6.677  1.00 0.00 ? 8  A A N7     1 
ATOM 230 C C5     . A A 1 8  ? 0.100   5.151   -6.772  1.00 0.00 ? 8  A A C5     1 
ATOM 231 C C6     . A A 1 8  ? -0.921  5.048   -5.810  1.00 0.00 ? 8  A A C6     1 
ATOM 232 N N6     . A A 1 8  ? -0.662  4.940   -4.504  1.00 0.00 ? 8  A A N6     1 
ATOM 233 N N1     . A A 1 8  ? -2.200  5.104   -6.228  1.00 0.00 ? 8  A A N1     1 
ATOM 234 C C2     . A A 1 8  ? -2.454  5.215   -7.530  1.00 0.00 ? 8  A A C2     1 
ATOM 235 N N3     . A A 1 8  ? -1.588  5.250   -8.537  1.00 0.00 ? 8  A A N3     1 
ATOM 236 C C4     . A A 1 8  ? -0.308  5.207   -8.079  1.00 0.00 ? 8  A A C4     1 
ATOM 237 H "H5'"  . A A 1 8  ? 4.444   5.693   -11.948 1.00 0.00 ? 8  A A "H5'"  1 
ATOM 238 H "H5''" . A A 1 8  ? 4.372   7.470   -12.014 1.00 0.00 ? 8  A A "H5''" 1 
ATOM 239 H "H4'"  . A A 1 8  ? 2.174   6.359   -12.598 1.00 0.00 ? 8  A A "H4'"  1 
ATOM 240 H "H3'"  . A A 1 8  ? 2.179   7.969   -10.010 1.00 0.00 ? 8  A A "H3'"  1 
ATOM 241 H "H2'"  . A A 1 8  ? -0.040  7.351   -9.670  1.00 0.00 ? 8  A A "H2'"  1 
ATOM 242 H "HO2'" . A A 1 8  ? -1.319  6.426   -11.253 1.00 0.00 ? 8  A A "HO2'" 1 
ATOM 243 H "H1'"  . A A 1 8  ? 0.176   4.746   -10.759 1.00 0.00 ? 8  A A "H1'"  1 
ATOM 244 H H8     . A A 1 8  ? 2.860   5.699   -8.202  1.00 0.00 ? 8  A A H8     1 
ATOM 245 H H61    . A A 1 8  ? -1.414  4.957   -3.831  1.00 0.00 ? 8  A A H61    1 
ATOM 246 H H62    . A A 1 8  ? 0.298   4.865   -4.198  1.00 0.00 ? 8  A A H62    1 
ATOM 247 H H2     . A A 1 8  ? -3.496  5.293   -7.804  1.00 0.00 ? 8  A A H2     1 
ATOM 248 P P      . C A 1 9  ? 2.236   9.929   -12.119 1.00 0.00 ? 9  C A P      1 
ATOM 249 O "O5'"  . C A 1 9  ? 1.069   11.064  -12.212 1.00 0.00 ? 9  C A "O5'"  1 
ATOM 250 C "C5'"  . C A 1 9  ? -0.069  10.948  -13.070 1.00 0.00 ? 9  C A "C5'"  1 
ATOM 251 C "C4'"  . C A 1 9  ? -1.435  10.572  -12.444 1.00 0.00 ? 9  C A "C4'"  1 
ATOM 252 O "O4'"  . C A 1 9  ? -1.468  9.432   -11.618 1.00 0.00 ? 9  C A "O4'"  1 
ATOM 253 C "C3'"  . C A 1 9  ? -2.151  11.709  -11.721 1.00 0.00 ? 9  C A "C3'"  1 
ATOM 254 O "O3'"  . C A 1 9  ? -2.756  12.508  -12.726 1.00 0.00 ? 9  C A "O3'"  1 
ATOM 255 C "C2'"  . C A 1 9  ? -3.160  10.942  -10.866 1.00 0.00 ? 9  C A "C2'"  1 
ATOM 256 O "O2'"  . C A 1 9  ? -4.320  10.627  -11.612 1.00 0.00 ? 9  C A "O2'"  1 
ATOM 257 C "C1'"  . C A 1 9  ? -2.384  9.656   -10.560 1.00 0.00 ? 9  C A "C1'"  1 
ATOM 258 N N1     . C A 1 9  ? -1.628  9.720   -9.282  1.00 0.00 ? 9  C A N1     1 
ATOM 259 C C2     . C A 1 9  ? -2.302  9.328   -8.136  1.00 0.00 ? 9  C A C2     1 
ATOM 260 O O2     . C A 1 9  ? -3.528  9.315   -8.133  1.00 0.00 ? 9  C A O2     1 
ATOM 261 N N3     . C A 1 9  ? -1.582  8.995   -7.029  1.00 0.00 ? 9  C A N3     1 
ATOM 262 C C4     . C A 1 9  ? -0.253  9.158   -7.002  1.00 0.00 ? 9  C A C4     1 
ATOM 263 N N4     . C A 1 9  ? 0.414   8.803   -5.899  1.00 0.00 ? 9  C A N4     1 
ATOM 264 C C5     . C A 1 9  ? 0.453   9.705   -8.127  1.00 0.00 ? 9  C A C5     1 
ATOM 265 C C6     . C A 1 9  ? -0.276  9.966   -9.239  1.00 0.00 ? 9  C A C6     1 
ATOM 266 H "H5'"  . C A 1 9  ? 0.139   10.262  -13.892 1.00 0.00 ? 9  C A "H5'"  1 
ATOM 267 H "H5''" . C A 1 9  ? -0.217  11.943  -13.488 1.00 0.00 ? 9  C A "H5''" 1 
ATOM 268 H "H4'"  . C A 1 9  ? -2.088  10.301  -13.273 1.00 0.00 ? 9  C A "H4'"  1 
ATOM 269 H "H3'"  . C A 1 9  ? -1.462  12.256  -11.076 1.00 0.00 ? 9  C A "H3'"  1 
ATOM 270 H "H2'"  . C A 1 9  ? -3.453  11.479  -9.963  1.00 0.00 ? 9  C A "H2'"  1 
ATOM 271 H "HO2'" . C A 1 9  ? -4.941  10.174  -11.037 1.00 0.00 ? 9  C A "HO2'" 1 
ATOM 272 H "H1'"  . C A 1 9  ? -3.080  8.817   -10.518 1.00 0.00 ? 9  C A "H1'"  1 
ATOM 273 H H41    . C A 1 9  ? -0.104  8.452   -5.106  1.00 0.00 ? 9  C A H41    1 
ATOM 274 H H42    . C A 1 9  ? 1.421   8.878   -5.856  1.00 0.00 ? 9  C A H42    1 
ATOM 275 H H5     . C A 1 9  ? 1.515   9.897   -8.139  1.00 0.00 ? 9  C A H5     1 
ATOM 276 H H6     . C A 1 9  ? 0.233   10.341  -10.114 1.00 0.00 ? 9  C A H6     1 
ATOM 277 P P      . G A 1 10 ? -3.067  14.063  -12.526 1.00 0.00 ? 10 G A P      1 
ATOM 278 O "O5'"  . G A 1 10 ? -3.964  14.054  -11.204 1.00 0.00 ? 10 G A "O5'"  1 
ATOM 279 C "C5'"  . G A 1 10 ? -5.369  13.928  -11.239 1.00 0.00 ? 10 G A "C5'"  1 
ATOM 280 C "C4'"  . G A 1 10 ? -5.879  13.899  -9.801  1.00 0.00 ? 10 G A "C4'"  1 
ATOM 281 O "O4'"  . G A 1 10 ? -5.587  12.675  -9.146  1.00 0.00 ? 10 G A "O4'"  1 
ATOM 282 C "C3'"  . G A 1 10 ? -5.206  14.947  -8.920  1.00 0.00 ? 10 G A "C3'"  1 
ATOM 283 O "O3'"  . G A 1 10 ? -5.580  16.287  -9.210  1.00 0.00 ? 10 G A "O3'"  1 
ATOM 284 C "C2'"  . G A 1 10 ? -5.656  14.436  -7.564  1.00 0.00 ? 10 G A "C2'"  1 
ATOM 285 O "O2'"  . G A 1 10 ? -6.993  14.827  -7.329  1.00 0.00 ? 10 G A "O2'"  1 
ATOM 286 C "C1'"  . G A 1 10 ? -5.643  12.913  -7.748  1.00 0.00 ? 10 G A "C1'"  1 
ATOM 287 N N9     . G A 1 10 ? -4.518  12.279  -7.020  1.00 0.00 ? 10 G A N9     1 
ATOM 288 C C8     . G A 1 10 ? -3.170  12.318  -7.277  1.00 0.00 ? 10 G A C8     1 
ATOM 289 N N7     . G A 1 10 ? -2.437  11.755  -6.357  1.00 0.00 ? 10 G A N7     1 
ATOM 290 C C5     . G A 1 10 ? -3.364  11.254  -5.449  1.00 0.00 ? 10 G A C5     1 
ATOM 291 C C6     . G A 1 10 ? -3.171  10.522  -4.241  1.00 0.00 ? 10 G A C6     1 
ATOM 292 O O6     . G A 1 10 ? -2.106  10.191  -3.729  1.00 0.00 ? 10 G A O6     1 
ATOM 293 N N1     . G A 1 10 ? -4.372  10.203  -3.608  1.00 0.00 ? 10 G A N1     1 
ATOM 294 C C2     . G A 1 10 ? -5.621  10.549  -4.091  1.00 0.00 ? 10 G A C2     1 
ATOM 295 N N2     . G A 1 10 ? -6.696  10.171  -3.394  1.00 0.00 ? 10 G A N2     1 
ATOM 296 N N3     . G A 1 10 ? -5.801  11.256  -5.216  1.00 0.00 ? 10 G A N3     1 
ATOM 297 C C4     . G A 1 10 ? -4.639  11.568  -5.850  1.00 0.00 ? 10 G A C4     1 
ATOM 298 H "H5'"  . G A 1 10 ? -5.685  13.027  -11.765 1.00 0.00 ? 10 G A "H5'"  1 
ATOM 299 H "H5''" . G A 1 10 ? -5.793  14.800  -11.736 1.00 0.00 ? 10 G A "H5''" 1 
ATOM 300 H "H4'"  . G A 1 10 ? -6.960  14.046  -9.803  1.00 0.00 ? 10 G A "H4'"  1 
ATOM 301 H "H3'"  . G A 1 10 ? -4.121  14.844  -8.963  1.00 0.00 ? 10 G A "H3'"  1 
ATOM 302 H "H2'"  . G A 1 10 ? -4.975  14.786  -6.788  1.00 0.00 ? 10 G A "H2'"  1 
ATOM 303 H "HO2'" . G A 1 10 ? -7.189  14.649  -6.407  1.00 0.00 ? 10 G A "HO2'" 1 
ATOM 304 H "H1'"  . G A 1 10 ? -6.577  12.508  -7.359  1.00 0.00 ? 10 G A "H1'"  1 
ATOM 305 H H8     . G A 1 10 ? -2.740  12.773  -8.157  1.00 0.00 ? 10 G A H8     1 
ATOM 306 H H1     . G A 1 10 ? -4.305  9.709   -2.729  1.00 0.00 ? 10 G A H1     1 
ATOM 307 H H21    . G A 1 10 ? -6.594  9.638   -2.541  1.00 0.00 ? 10 G A H21    1 
ATOM 308 H H22    . G A 1 10 ? -7.619  10.399  -3.736  1.00 0.00 ? 10 G A H22    1 
ATOM 309 P P      . A A 1 11 ? -5.035  17.526  -8.324  1.00 0.00 ? 11 A A P      1 
ATOM 310 O "O5'"  . A A 1 11 ? -6.045  17.525  -7.063  1.00 0.00 ? 11 A A "O5'"  1 
ATOM 311 C "C5'"  . A A 1 11 ? -5.687  18.027  -5.787  1.00 0.00 ? 11 A A "C5'"  1 
ATOM 312 C "C4'"  . A A 1 11 ? -6.455  17.239  -4.718  1.00 0.00 ? 11 A A "C4'"  1 
ATOM 313 O "O4'"  . A A 1 11 ? -6.289  15.862  -4.984  1.00 0.00 ? 11 A A "O4'"  1 
ATOM 314 C "C3'"  . A A 1 11 ? -5.899  17.435  -3.309  1.00 0.00 ? 11 A A "C3'"  1 
ATOM 315 O "O3'"  . A A 1 11 ? -6.428  18.564  -2.641  1.00 0.00 ? 11 A A "O3'"  1 
ATOM 316 C "C2'"  . A A 1 11 ? -6.302  16.126  -2.633  1.00 0.00 ? 11 A A "C2'"  1 
ATOM 317 O "O2'"  . A A 1 11 ? -7.616  16.170  -2.120  1.00 0.00 ? 11 A A "O2'"  1 
ATOM 318 C "C1'"  . A A 1 11 ? -6.235  15.127  -3.786  1.00 0.00 ? 11 A A "C1'"  1 
ATOM 319 N N9     . A A 1 11 ? -4.962  14.391  -3.681  1.00 0.00 ? 11 A A N9     1 
ATOM 320 C C8     . A A 1 11 ? -3.770  14.560  -4.349  1.00 0.00 ? 11 A A C8     1 
ATOM 321 N N7     . A A 1 11 ? -2.771  13.913  -3.819  1.00 0.00 ? 11 A A N7     1 
ATOM 322 C C5     . A A 1 11 ? -3.348  13.256  -2.741  1.00 0.00 ? 11 A A C5     1 
ATOM 323 C C6     . A A 1 11 ? -2.831  12.389  -1.767  1.00 0.00 ? 11 A A C6     1 
ATOM 324 N N6     . A A 1 11 ? -1.535  12.056  -1.746  1.00 0.00 ? 11 A A N6     1 
ATOM 325 N N1     . A A 1 11 ? -3.677  11.882  -0.849  1.00 0.00 ? 11 A A N1     1 
ATOM 326 C C2     . A A 1 11 ? -4.960  12.239  -0.877  1.00 0.00 ? 11 A A C2     1 
ATOM 327 N N3     . A A 1 11 ? -5.566  13.047  -1.738  1.00 0.00 ? 11 A A N3     1 
ATOM 328 C C4     . A A 1 11 ? -4.689  13.513  -2.667  1.00 0.00 ? 11 A A C4     1 
ATOM 329 H "H5'"  . A A 1 11 ? -5.927  19.089  -5.722  1.00 0.00 ? 11 A A "H5'"  1 
ATOM 330 H "H5''" . A A 1 11 ? -4.620  17.890  -5.613  1.00 0.00 ? 11 A A "H5''" 1 
ATOM 331 H "H4'"  . A A 1 11 ? -7.520  17.471  -4.745  1.00 0.00 ? 11 A A "H4'"  1 
ATOM 332 H "H3'"  . A A 1 11 ? -4.811  17.488  -3.364  1.00 0.00 ? 11 A A "H3'"  1 
ATOM 333 H "H2'"  . A A 1 11 ? -5.620  15.855  -1.826  1.00 0.00 ? 11 A A "H2'"  1 
ATOM 334 H "HO2'" . A A 1 11 ? -7.767  15.347  -1.650  1.00 0.00 ? 11 A A "HO2'" 1 
ATOM 335 H "H1'"  . A A 1 11 ? -7.066  14.422  -3.747  1.00 0.00 ? 11 A A "H1'"  1 
ATOM 336 H H8     . A A 1 11 ? -3.632  15.199  -5.208  1.00 0.00 ? 11 A A H8     1 
ATOM 337 H H61    . A A 1 11 ? -1.223  11.290  -1.167  1.00 0.00 ? 11 A A H61    1 
ATOM 338 H H62    . A A 1 11 ? -0.883  12.552  -2.338  1.00 0.00 ? 11 A A H62    1 
ATOM 339 H H2     . A A 1 11 ? -5.593  11.829  -0.103  1.00 0.00 ? 11 A A H2     1 
ATOM 340 P P      . U A 1 12 ? -5.694  19.167  -1.341  1.00 0.00 ? 12 U A P      1 
ATOM 341 O "O5'"  . U A 1 12 ? -5.070  17.874  -0.591  1.00 0.00 ? 12 U A "O5'"  1 
ATOM 342 C "C5'"  . U A 1 12 ? -5.565  17.443  0.658   1.00 0.00 ? 12 U A "C5'"  1 
ATOM 343 C "C4'"  . U A 1 12 ? -4.869  16.197  1.230   1.00 0.00 ? 12 U A "C4'"  1 
ATOM 344 O "O4'"  . U A 1 12 ? -4.314  15.253  0.331   1.00 0.00 ? 12 U A "O4'"  1 
ATOM 345 C "C3'"  . U A 1 12 ? -3.829  16.571  2.274   1.00 0.00 ? 12 U A "C3'"  1 
ATOM 346 O "O3'"  . U A 1 12 ? -4.610  16.880  3.425   1.00 0.00 ? 12 U A "O3'"  1 
ATOM 347 C "C2'"  . U A 1 12 ? -3.050  15.262  2.290   1.00 0.00 ? 12 U A "C2'"  1 
ATOM 348 O "O2'"  . U A 1 12 ? -3.800  14.281  2.953   1.00 0.00 ? 12 U A "O2'"  1 
ATOM 349 C "C1'"  . U A 1 12 ? -3.037  14.838  0.811   1.00 0.00 ? 12 U A "C1'"  1 
ATOM 350 N N1     . U A 1 12 ? -1.994  15.519  -0.008  1.00 0.00 ? 12 U A N1     1 
ATOM 351 C C2     . U A 1 12 ? -0.738  15.766  0.550   1.00 0.00 ? 12 U A C2     1 
ATOM 352 O O2     . U A 1 12 ? -0.185  14.997  1.333   1.00 0.00 ? 12 U A O2     1 
ATOM 353 N N3     . U A 1 12 ? -0.134  16.959  0.167   1.00 0.00 ? 12 U A N3     1 
ATOM 354 C C4     . U A 1 12 ? -0.630  17.831  -0.796  1.00 0.00 ? 12 U A C4     1 
ATOM 355 O O4     . U A 1 12 ? -0.119  18.936  -0.959  1.00 0.00 ? 12 U A O4     1 
ATOM 356 C C5     . U A 1 12 ? -1.746  17.306  -1.551  1.00 0.00 ? 12 U A C5     1 
ATOM 357 C C6     . U A 1 12 ? -2.373  16.179  -1.152  1.00 0.00 ? 12 U A C6     1 
ATOM 358 H "H5'"  . U A 1 12 ? -6.636  17.244  0.610   1.00 0.00 ? 12 U A "H5'"  1 
ATOM 359 H "H5''" . U A 1 12 ? -5.399  18.269  1.350   1.00 0.00 ? 12 U A "H5''" 1 
ATOM 360 H "H4'"  . U A 1 12 ? -5.637  15.630  1.754   1.00 0.00 ? 12 U A "H4'"  1 
ATOM 361 H "H3'"  . U A 1 12 ? -3.186  17.384  1.934   1.00 0.00 ? 12 U A "H3'"  1 
ATOM 362 H "H2'"  . U A 1 12 ? -2.074  15.376  2.763   1.00 0.00 ? 12 U A "H2'"  1 
ATOM 363 H "HO2'" . U A 1 12 ? -3.275  13.478  2.987   1.00 0.00 ? 12 U A "HO2'" 1 
ATOM 364 H "H1'"  . U A 1 12 ? -2.955  13.755  0.725   1.00 0.00 ? 12 U A "H1'"  1 
ATOM 365 H H3     . U A 1 12 ? 0.712   17.226  0.648   1.00 0.00 ? 12 U A H3     1 
ATOM 366 H H5     . U A 1 12 ? -2.141  17.846  -2.400  1.00 0.00 ? 12 U A H5     1 
ATOM 367 H H6     . U A 1 12 ? -3.233  15.843  -1.713  1.00 0.00 ? 12 U A H6     1 
ATOM 368 P P      . C A 1 13 ? -4.048  17.247  4.884   1.00 0.00 ? 13 C A P      1 
ATOM 369 O "O5'"  . C A 1 13 ? -3.114  16.002  5.290   1.00 0.00 ? 13 C A "O5'"  1 
ATOM 370 C "C5'"  . C A 1 13 ? -3.613  14.787  5.823   1.00 0.00 ? 13 C A "C5'"  1 
ATOM 371 C "C4'"  . C A 1 13 ? -2.465  13.739  5.862   1.00 0.00 ? 13 C A "C4'"  1 
ATOM 372 O "O4'"  . C A 1 13 ? -1.683  13.803  4.685   1.00 0.00 ? 13 C A "O4'"  1 
ATOM 373 C "C3'"  . C A 1 13 ? -1.560  13.958  7.067   1.00 0.00 ? 13 C A "C3'"  1 
ATOM 374 O "O3'"  . C A 1 13 ? -1.822  13.019  8.108   1.00 0.00 ? 13 C A "O3'"  1 
ATOM 375 C "C2'"  . C A 1 13 ? -0.151  13.758  6.506   1.00 0.00 ? 13 C A "C2'"  1 
ATOM 376 O "O2'"  . C A 1 13 ? 0.494   12.607  7.006   1.00 0.00 ? 13 C A "O2'"  1 
ATOM 377 C "C1'"  . C A 1 13 ? -0.313  13.639  4.990   1.00 0.00 ? 13 C A "C1'"  1 
ATOM 378 N N1     . C A 1 13 ? 0.466   14.722  4.342   1.00 0.00 ? 13 C A N1     1 
ATOM 379 C C2     . C A 1 13 ? 1.707   14.432  3.769   1.00 0.00 ? 13 C A C2     1 
ATOM 380 O O2     . C A 1 13 ? 2.175   13.294  3.800   1.00 0.00 ? 13 C A O2     1 
ATOM 381 N N3     . C A 1 13 ? 2.401   15.454  3.185   1.00 0.00 ? 13 C A N3     1 
ATOM 382 C C4     . C A 1 13 ? 1.915   16.704  3.178   1.00 0.00 ? 13 C A C4     1 
ATOM 383 N N4     . C A 1 13 ? 2.594   17.661  2.536   1.00 0.00 ? 13 C A N4     1 
ATOM 384 C C5     . C A 1 13 ? 0.698   17.040  3.857   1.00 0.00 ? 13 C A C5     1 
ATOM 385 C C6     . C A 1 13 ? 0.020   16.019  4.424   1.00 0.00 ? 13 C A C6     1 
ATOM 386 H "H5'"  . C A 1 13 ? -4.466  14.461  5.231   1.00 0.00 ? 13 C A "H5'"  1 
ATOM 387 H "H5''" . C A 1 13 ? -3.967  14.993  6.834   1.00 0.00 ? 13 C A "H5''" 1 
ATOM 388 H "H4'"  . C A 1 13 ? -2.769  12.696  5.951   1.00 0.00 ? 13 C A "H4'"  1 
ATOM 389 H "H3'"  . C A 1 13 ? -1.645  14.988  7.416   1.00 0.00 ? 13 C A "H3'"  1 
ATOM 390 H "H2'"  . C A 1 13 ? 0.452   14.629  6.766   1.00 0.00 ? 13 C A "H2'"  1 
ATOM 391 H "HO2'" . C A 1 13 ? 1.342   12.527  6.564   1.00 0.00 ? 13 C A "HO2'" 1 
ATOM 392 H "H1'"  . C A 1 13 ? -0.016  12.648  4.648   1.00 0.00 ? 13 C A "H1'"  1 
ATOM 393 H H41    . C A 1 13 ? 3.474   17.436  2.095   1.00 0.00 ? 13 C A H41    1 
ATOM 394 H H42    . C A 1 13 ? 2.205   18.590  2.472   1.00 0.00 ? 13 C A H42    1 
ATOM 395 H H5     . C A 1 13 ? 0.299   18.039  3.937   1.00 0.00 ? 13 C A H5     1 
ATOM 396 H H6     . C A 1 13 ? -0.872  16.249  4.987   1.00 0.00 ? 13 C A H6     1 
ATOM 397 P P      . A A 1 14 ? -3.120  13.094  9.073   1.00 0.00 ? 14 A A P      1 
ATOM 398 O "O5'"  . A A 1 14 ? -4.385  12.646  8.171   1.00 0.00 ? 14 A A "O5'"  1 
ATOM 399 C "C5'"  . A A 1 14 ? -4.619  11.299  7.777   1.00 0.00 ? 14 A A "C5'"  1 
ATOM 400 C "C4'"  . A A 1 14 ? -5.524  11.364  6.533   1.00 0.00 ? 14 A A "C4'"  1 
ATOM 401 O "O4'"  . A A 1 14 ? -4.879  12.143  5.561   1.00 0.00 ? 14 A A "O4'"  1 
ATOM 402 C "C3'"  . A A 1 14 ? -5.973  10.082  5.812   1.00 0.00 ? 14 A A "C3'"  1 
ATOM 403 O "O3'"  . A A 1 14 ? -7.345  9.879   6.115   1.00 0.00 ? 14 A A "O3'"  1 
ATOM 404 C "C2'"  . A A 1 14 ? -5.782  10.463  4.336   1.00 0.00 ? 14 A A "C2'"  1 
ATOM 405 O "O2'"  . A A 1 14 ? -6.888  11.230  3.880   1.00 0.00 ? 14 A A "O2'"  1 
ATOM 406 C "C1'"  . A A 1 14 ? -4.588  11.387  4.412   1.00 0.00 ? 14 A A "C1'"  1 
ATOM 407 N N9     . A A 1 14 ? -3.242  10.721  4.391   1.00 0.00 ? 14 A A N9     1 
ATOM 408 C C8     . A A 1 14 ? -2.572  9.904   5.288   1.00 0.00 ? 14 A A C8     1 
ATOM 409 N N7     . A A 1 14 ? -1.338  9.628   4.955   1.00 0.00 ? 14 A A N7     1 
ATOM 410 C C5     . A A 1 14 ? -1.169  10.277  3.741   1.00 0.00 ? 14 A A C5     1 
ATOM 411 C C6     . A A 1 14 ? -0.091  10.378  2.830   1.00 0.00 ? 14 A A C6     1 
ATOM 412 N N6     . A A 1 14 ? 1.105   9.809   3.016   1.00 0.00 ? 14 A A N6     1 
ATOM 413 N N1     . A A 1 14 ? -0.264  11.100  1.709   1.00 0.00 ? 14 A A N1     1 
ATOM 414 C C2     . A A 1 14 ? -1.435  11.689  1.499   1.00 0.00 ? 14 A A C2     1 
ATOM 415 N N3     . A A 1 14 ? -2.521  11.664  2.262   1.00 0.00 ? 14 A A N3     1 
ATOM 416 C C4     . A A 1 14 ? -2.325  10.927  3.387   1.00 0.00 ? 14 A A C4     1 
ATOM 417 H "H5'"  . A A 1 14 ? -5.120  10.753  8.577   1.00 0.00 ? 14 A A "H5'"  1 
ATOM 418 H "H5''" . A A 1 14 ? -3.657  10.829  7.572   1.00 0.00 ? 14 A A "H5''" 1 
ATOM 419 H "H4'"  . A A 1 14 ? -6.419  11.917  6.816   1.00 0.00 ? 14 A A "H4'"  1 
ATOM 420 H "H3'"  . A A 1 14 ? -5.331  9.233   6.047   1.00 0.00 ? 14 A A "H3'"  1 
ATOM 421 H "H2'"  . A A 1 14 ? -5.556  9.641   3.655   1.00 0.00 ? 14 A A "H2'"  1 
ATOM 422 H "HO2'" . A A 1 14 ? -6.663  11.645  3.045   1.00 0.00 ? 14 A A "HO2'" 1 
ATOM 423 H "H1'"  . A A 1 14 ? -4.637  12.070  3.564   1.00 0.00 ? 14 A A "H1'"  1 
ATOM 424 H H8     . A A 1 14 ? -2.981  9.490   6.197   1.00 0.00 ? 14 A A H8     1 
ATOM 425 H H61    . A A 1 14 ? 1.818   9.932   2.310   1.00 0.00 ? 14 A A H61    1 
ATOM 426 H H62    . A A 1 14 ? 1.294   9.284   3.858   1.00 0.00 ? 14 A A H62    1 
ATOM 427 H H2     . A A 1 14 ? -1.488  12.289  0.603   1.00 0.00 ? 14 A A H2     1 
ATOM 428 P P      . C A 1 15 ? -7.907  8.499   6.699   1.00 0.00 ? 15 C A P      1 
ATOM 429 O "O5'"  . C A 1 15 ? -7.858  7.576   5.387   1.00 0.00 ? 15 C A "O5'"  1 
ATOM 430 C "C5'"  . C A 1 15 ? -8.846  7.705   4.384   1.00 0.00 ? 15 C A "C5'"  1 
ATOM 431 C "C4'"  . C A 1 15 ? -8.254  7.479   3.001   1.00 0.00 ? 15 C A "C4'"  1 
ATOM 432 O "O4'"  . C A 1 15 ? -7.200  8.362   2.689   1.00 0.00 ? 15 C A "O4'"  1 
ATOM 433 C "C3'"  . C A 1 15 ? -7.673  6.094   2.764   1.00 0.00 ? 15 C A "C3'"  1 
ATOM 434 O "O3'"  . C A 1 15 ? -8.765  5.185   2.662   1.00 0.00 ? 15 C A "O3'"  1 
ATOM 435 C "C2'"  . C A 1 15 ? -6.939  6.404   1.455   1.00 0.00 ? 15 C A "C2'"  1 
ATOM 436 O "O2'"  . C A 1 15 ? -7.784  6.172   0.369   1.00 0.00 ? 15 C A "O2'"  1 
ATOM 437 C "C1'"  . C A 1 15 ? -6.739  7.923   1.435   1.00 0.00 ? 15 C A "C1'"  1 
ATOM 438 N N1     . C A 1 15 ? -5.360  8.308   1.025   1.00 0.00 ? 15 C A N1     1 
ATOM 439 C C2     . C A 1 15 ? -5.146  8.600   -0.324  1.00 0.00 ? 15 C A C2     1 
ATOM 440 O O2     . C A 1 15 ? -6.062  8.536   -1.138  1.00 0.00 ? 15 C A O2     1 
ATOM 441 N N3     . C A 1 15 ? -3.891  8.911   -0.742  1.00 0.00 ? 15 C A N3     1 
ATOM 442 C C4     . C A 1 15 ? -2.851  8.843   0.100   1.00 0.00 ? 15 C A C4     1 
ATOM 443 N N4     . C A 1 15 ? -1.634  9.095   -0.389  1.00 0.00 ? 15 C A N4     1 
ATOM 444 C C5     . C A 1 15 ? -3.026  8.429   1.466   1.00 0.00 ? 15 C A C5     1 
ATOM 445 C C6     . C A 1 15 ? -4.294  8.182   1.878   1.00 0.00 ? 15 C A C6     1 
ATOM 446 H "H5'"  . C A 1 15 ? -9.285  8.702   4.377   1.00 0.00 ? 15 C A "H5'"  1 
ATOM 447 H "H5''" . C A 1 15 ? -9.636  6.975   4.563   1.00 0.00 ? 15 C A "H5''" 1 
ATOM 448 H "H4'"  . C A 1 15 ? -9.056  7.631   2.280   1.00 0.00 ? 15 C A "H4'"  1 
ATOM 449 H "H3'"  . C A 1 15 ? -6.959  5.847   3.549   1.00 0.00 ? 15 C A "H3'"  1 
ATOM 450 H "H2'"  . C A 1 15 ? -6.003  5.851   1.384   1.00 0.00 ? 15 C A "H2'"  1 
ATOM 451 H "HO2'" . C A 1 15 ? -7.282  6.404   -0.417  1.00 0.00 ? 15 C A "HO2'" 1 
ATOM 452 H "H1'"  . C A 1 15 ? -7.452  8.377   0.747   1.00 0.00 ? 15 C A "H1'"  1 
ATOM 453 H H41    . C A 1 15 ? -1.552  9.357   -1.361  1.00 0.00 ? 15 C A H41    1 
ATOM 454 H H42    . C A 1 15 ? -0.811  9.000   0.187   1.00 0.00 ? 15 C A H42    1 
ATOM 455 H H5     . C A 1 15 ? -2.209  8.294   2.160   1.00 0.00 ? 15 C A H5     1 
ATOM 456 H H6     . C A 1 15 ? -4.469  7.858   2.894   1.00 0.00 ? 15 C A H6     1 
ATOM 457 P P      . G A 1 16 ? -8.633  3.581   2.506   1.00 0.00 ? 16 G A P      1 
ATOM 458 O "O5'"  . G A 1 16 ? -7.781  3.343   1.158   1.00 0.00 ? 16 G A "O5'"  1 
ATOM 459 C "C5'"  . G A 1 16 ? -8.297  2.745   -0.022  1.00 0.00 ? 16 G A "C5'"  1 
ATOM 460 C "C4'"  . G A 1 16 ? -8.036  3.713   -1.174  1.00 0.00 ? 16 G A "C4'"  1 
ATOM 461 O "O4'"  . G A 1 16 ? -6.752  4.267   -1.070  1.00 0.00 ? 16 G A "O4'"  1 
ATOM 462 C "C3'"  . G A 1 16 ? -8.013  3.137   -2.580  1.00 0.00 ? 16 G A "C3'"  1 
ATOM 463 O "O3'"  . G A 1 16 ? -9.344  3.056   -3.059  1.00 0.00 ? 16 G A "O3'"  1 
ATOM 464 C "C2'"  . G A 1 16 ? -7.151  4.180   -3.345  1.00 0.00 ? 16 G A "C2'"  1 
ATOM 465 O "O2'"  . G A 1 16 ? -7.929  4.960   -4.228  1.00 0.00 ? 16 G A "O2'"  1 
ATOM 466 C "C1'"  . G A 1 16 ? -6.621  5.065   -2.215  1.00 0.00 ? 16 G A "C1'"  1 
ATOM 467 N N9     . G A 1 16 ? -5.227  5.536   -2.295  1.00 0.00 ? 16 G A N9     1 
ATOM 468 C C8     . G A 1 16 ? -4.296  5.631   -1.290  1.00 0.00 ? 16 G A C8     1 
ATOM 469 N N7     . G A 1 16 ? -3.168  6.168   -1.656  1.00 0.00 ? 16 G A N7     1 
ATOM 470 C C5     . G A 1 16 ? -3.395  6.532   -2.976  1.00 0.00 ? 16 G A C5     1 
ATOM 471 C C6     . G A 1 16 ? -2.569  7.254   -3.884  1.00 0.00 ? 16 G A C6     1 
ATOM 472 O O6     . G A 1 16 ? -1.395  7.590   -3.732  1.00 0.00 ? 16 G A O6     1 
ATOM 473 N N1     . G A 1 16 ? -3.238  7.574   -5.062  1.00 0.00 ? 16 G A N1     1 
ATOM 474 C C2     . G A 1 16 ? -4.528  7.177   -5.366  1.00 0.00 ? 16 G A C2     1 
ATOM 475 N N2     . G A 1 16 ? -5.037  7.546   -6.543  1.00 0.00 ? 16 G A N2     1 
ATOM 476 N N3     . G A 1 16 ? -5.292  6.460   -4.533  1.00 0.00 ? 16 G A N3     1 
ATOM 477 C C4     . G A 1 16 ? -4.671  6.186   -3.359  1.00 0.00 ? 16 G A C4     1 
ATOM 478 H "H5'"  . G A 1 16 ? -9.370  2.552   0.019   1.00 0.00 ? 16 G A "H5'"  1 
ATOM 479 H "H5''" . G A 1 16 ? -7.770  1.805   -0.184  1.00 0.00 ? 16 G A "H5''" 1 
ATOM 480 H "H4'"  . G A 1 16 ? -8.786  4.502   -1.140  1.00 0.00 ? 16 G A "H4'"  1 
ATOM 481 H "H3'"  . G A 1 16 ? -7.524  2.167   -2.506  1.00 0.00 ? 16 G A "H3'"  1 
ATOM 482 H "H2'"  . G A 1 16 ? -6.323  3.761   -3.918  1.00 0.00 ? 16 G A "H2'"  1 
ATOM 483 H "HO2'" . G A 1 16 ? -7.347  5.615   -4.622  1.00 0.00 ? 16 G A "HO2'" 1 
ATOM 484 H "H1'"  . G A 1 16 ? -7.270  5.939   -2.163  1.00 0.00 ? 16 G A "H1'"  1 
ATOM 485 H H8     . G A 1 16 ? -4.477  5.307   -0.276  1.00 0.00 ? 16 G A H8     1 
ATOM 486 H H1     . G A 1 16 ? -2.714  8.102   -5.746  1.00 0.00 ? 16 G A H1     1 
ATOM 487 H H21    . G A 1 16 ? -4.484  8.102   -7.179  1.00 0.00 ? 16 G A H21    1 
ATOM 488 H H22    . G A 1 16 ? -5.979  7.277   -6.792  1.00 0.00 ? 16 G A H22    1 
ATOM 489 P P      . C A 1 17 ? -10.155 1.668   -3.099  1.00 0.00 ? 17 C A P      1 
ATOM 490 O "O5'"  . C A 1 17 ? -9.570  1.040   -4.451  1.00 0.00 ? 17 C A "O5'"  1 
ATOM 491 C "C5'"  . C A 1 17 ? -8.458  0.173   -4.464  1.00 0.00 ? 17 C A "C5'"  1 
ATOM 492 C "C4'"  . C A 1 17 ? -7.675  0.458   -5.745  1.00 0.00 ? 17 C A "C4'"  1 
ATOM 493 O "O4'"  . C A 1 17 ? -7.130  1.770   -5.839  1.00 0.00 ? 17 C A "O4'"  1 
ATOM 494 C "C3'"  . C A 1 17 ? -6.478  -0.469  -5.892  1.00 0.00 ? 17 C A "C3'"  1 
ATOM 495 O "O3'"  . C A 1 17 ? -6.802  -1.849  -5.902  1.00 0.00 ? 17 C A "O3'"  1 
ATOM 496 C "C2'"  . C A 1 17 ? -5.755  0.274   -7.034  1.00 0.00 ? 17 C A "C2'"  1 
ATOM 497 O "O2'"  . C A 1 17 ? -6.489  0.255   -8.242  1.00 0.00 ? 17 C A "O2'"  1 
ATOM 498 C "C1'"  . C A 1 17 ? -5.823  1.679   -6.410  1.00 0.00 ? 17 C A "C1'"  1 
ATOM 499 N N1     . C A 1 17 ? -4.774  1.849   -5.350  1.00 0.00 ? 17 C A N1     1 
ATOM 500 C C2     . C A 1 17 ? -3.462  2.106   -5.740  1.00 0.00 ? 17 C A C2     1 
ATOM 501 O O2     . C A 1 17 ? -3.177  2.215   -6.930  1.00 0.00 ? 17 C A O2     1 
ATOM 502 N N3     . C A 1 17 ? -2.498  2.212   -4.777  1.00 0.00 ? 17 C A N3     1 
ATOM 503 C C4     . C A 1 17 ? -2.795  2.089   -3.475  1.00 0.00 ? 17 C A C4     1 
ATOM 504 N N4     . C A 1 17 ? -1.819  2.164   -2.565  1.00 0.00 ? 17 C A N4     1 
ATOM 505 C C5     . C A 1 17 ? -4.136  1.832   -3.045  1.00 0.00 ? 17 C A C5     1 
ATOM 506 C C6     . C A 1 17 ? -5.068  1.704   -4.012  1.00 0.00 ? 17 C A C6     1 
ATOM 507 H "H5'"  . C A 1 17 ? -8.846  -0.845  -4.499  1.00 0.00 ? 17 C A "H5'"  1 
ATOM 508 H "H5''" . C A 1 17 ? -7.821  0.253   -3.583  1.00 0.00 ? 17 C A "H5''" 1 
ATOM 509 H "H4'"  . C A 1 17 ? -8.357  0.341   -6.587  1.00 0.00 ? 17 C A "H4'"  1 
ATOM 510 H "H3'"  . C A 1 17 ? -5.863  -0.412  -4.994  1.00 0.00 ? 17 C A "H3'"  1 
ATOM 511 H "H2'"  . C A 1 17 ? -4.725  0.002   -7.264  1.00 0.00 ? 17 C A "H2'"  1 
ATOM 512 H "HO2'" . C A 1 17 ? -6.040  0.807   -8.887  1.00 0.00 ? 17 C A "HO2'" 1 
ATOM 513 H "H1'"  . C A 1 17 ? -5.700  2.447   -7.174  1.00 0.00 ? 17 C A "H1'"  1 
ATOM 514 H H41    . C A 1 17 ? -0.863  2.298   -2.865  1.00 0.00 ? 17 C A H41    1 
ATOM 515 H H42    . C A 1 17 ? -2.030  2.067   -1.582  1.00 0.00 ? 17 C A H42    1 
ATOM 516 H H5     . C A 1 17 ? -4.428  1.729   -2.010  1.00 0.00 ? 17 C A H5     1 
ATOM 517 H H6     . C A 1 17 ? -6.079  1.470   -3.713  1.00 0.00 ? 17 C A H6     1 
ATOM 518 P P      . A A 1 18 ? -7.550  -2.641  -7.081  1.00 0.00 ? 18 A A P      1 
ATOM 519 O "O5'"  . A A 1 18 ? -6.311  -2.827  -8.085  1.00 0.00 ? 18 A A "O5'"  1 
ATOM 520 C "C5'"  . A A 1 18 ? -5.160  -3.536  -7.655  1.00 0.00 ? 18 A A "C5'"  1 
ATOM 521 C "C4'"  . A A 1 18 ? -3.977  -3.281  -8.590  1.00 0.00 ? 18 A A "C4'"  1 
ATOM 522 O "O4'"  . A A 1 18 ? -3.689  -1.883  -8.609  1.00 0.00 ? 18 A A "O4'"  1 
ATOM 523 C "C3'"  . A A 1 18 ? -2.706  -3.968  -8.064  1.00 0.00 ? 18 A A "C3'"  1 
ATOM 524 O "O3'"  . A A 1 18 ? -2.253  -5.199  -8.582  1.00 0.00 ? 18 A A "O3'"  1 
ATOM 525 C "C2'"  . A A 1 18 ? -1.658  -3.013  -8.604  1.00 0.00 ? 18 A A "C2'"  1 
ATOM 526 O "O2'"  . A A 1 18 ? -1.518  -3.165  -10.007 1.00 0.00 ? 18 A A "O2'"  1 
ATOM 527 C "C1'"  . A A 1 18 ? -2.320  -1.677  -8.300  1.00 0.00 ? 18 A A "C1'"  1 
ATOM 528 N N9     . A A 1 18 ? -2.106  -1.354  -6.872  1.00 0.00 ? 18 A A N9     1 
ATOM 529 C C8     . A A 1 18 ? -2.985  -1.269  -5.815  1.00 0.00 ? 18 A A C8     1 
ATOM 530 N N7     . A A 1 18 ? -2.422  -1.039  -4.663  1.00 0.00 ? 18 A A N7     1 
ATOM 531 C C5     . A A 1 18 ? -1.070  -0.995  -4.972  1.00 0.00 ? 18 A A C5     1 
ATOM 532 C C6     . A A 1 18 ? 0.090   -0.824  -4.198  1.00 0.00 ? 18 A A C6     1 
ATOM 533 N N6     . A A 1 18 ? 0.082   -0.620  -2.877  1.00 0.00 ? 18 A A N6     1 
ATOM 534 N N1     . A A 1 18 ? 1.272   -0.866  -4.833  1.00 0.00 ? 18 A A N1     1 
ATOM 535 C C2     . A A 1 18 ? 1.328   -1.064  -6.144  1.00 0.00 ? 18 A A C2     1 
ATOM 536 N N3     . A A 1 18 ? 0.316   -1.229  -6.978  1.00 0.00 ? 18 A A N3     1 
ATOM 537 C C4     . A A 1 18 ? -0.870  -1.187  -6.314  1.00 0.00 ? 18 A A C4     1 
ATOM 538 H "H5'"  . A A 1 18 ? -5.380  -4.602  -7.606  1.00 0.00 ? 18 A A "H5'"  1 
ATOM 539 H "H5''" . A A 1 18 ? -4.872  -3.211  -6.654  1.00 0.00 ? 18 A A "H5''" 1 
ATOM 540 H "H4'"  . A A 1 18 ? -4.209  -3.597  -9.608  1.00 0.00 ? 18 A A "H4'"  1 
ATOM 541 H "H3'"  . A A 1 18 ? -2.698  -3.964  -6.974  1.00 0.00 ? 18 A A "H3'"  1 
ATOM 542 H "H2'"  . A A 1 18 ? -0.694  -3.187  -8.125  1.00 0.00 ? 18 A A "H2'"  1 
ATOM 543 H "HO2'" . A A 1 18 ? -0.768  -2.643  -10.301 1.00 0.00 ? 18 A A "HO2'" 1 
ATOM 544 H "H1'"  . A A 1 18 ? -1.880  -0.890  -8.912  1.00 0.00 ? 18 A A "H1'"  1 
ATOM 545 H H8     . A A 1 18 ? -4.054  -1.394  -5.896  1.00 0.00 ? 18 A A H8     1 
ATOM 546 H H61    . A A 1 18 ? 0.958   -0.482  -2.395  1.00 0.00 ? 18 A A H61    1 
ATOM 547 H H62    . A A 1 18 ? -0.790  -0.632  -2.367  1.00 0.00 ? 18 A A H62    1 
ATOM 548 H H2     . A A 1 18 ? 2.308   -1.063  -6.597  1.00 0.00 ? 18 A A H2     1 
ATOM 549 P P      . G A 1 19 ? -3.102  -6.524  -8.806  1.00 0.00 ? 19 G A P      1 
ATOM 550 O "O5'"  . G A 1 19 ? -1.883  -7.513  -9.211  1.00 0.00 ? 19 G A "O5'"  1 
ATOM 551 C "C5'"  . G A 1 19 ? -0.714  -7.680  -8.407  1.00 0.00 ? 19 G A "C5'"  1 
ATOM 552 C "C4'"  . G A 1 19 ? 0.512   -6.916  -8.947  1.00 0.00 ? 19 G A "C4'"  1 
ATOM 553 O "O4'"  . G A 1 19 ? 0.511   -5.530  -8.660  1.00 0.00 ? 19 G A "O4'"  1 
ATOM 554 C "C3'"  . G A 1 19 ? 1.842   -7.525  -8.473  1.00 0.00 ? 19 G A "C3'"  1 
ATOM 555 O "O3'"  . G A 1 19 ? 2.096   -8.576  -9.419  1.00 0.00 ? 19 G A "O3'"  1 
ATOM 556 C "C2'"  . G A 1 19 ? 2.725   -6.270  -8.446  1.00 0.00 ? 19 G A "C2'"  1 
ATOM 557 O "O2'"  . G A 1 19 ? 3.188   -5.969  -9.748  1.00 0.00 ? 19 G A "O2'"  1 
ATOM 558 C "C1'"  . G A 1 19 ? 1.724   -5.172  -8.030  1.00 0.00 ? 19 G A "C1'"  1 
ATOM 559 N N9     . G A 1 19 ? 1.439   -4.982  -6.581  1.00 0.00 ? 19 G A N9     1 
ATOM 560 C C8     . G A 1 19 ? 0.213   -4.947  -5.952  1.00 0.00 ? 19 G A C8     1 
ATOM 561 N N7     . G A 1 19 ? 0.228   -4.437  -4.754  1.00 0.00 ? 19 G A N7     1 
ATOM 562 C C5     . G A 1 19 ? 1.564   -4.128  -4.545  1.00 0.00 ? 19 G A C5     1 
ATOM 563 C C6     . G A 1 19 ? 2.207   -3.571  -3.399  1.00 0.00 ? 19 G A C6     1 
ATOM 564 O O6     . G A 1 19 ? 1.691   -3.160  -2.360  1.00 0.00 ? 19 G A O6     1 
ATOM 565 N N1     . G A 1 19 ? 3.590   -3.572  -3.526  1.00 0.00 ? 19 G A N1     1 
ATOM 566 C C2     . G A 1 19 ? 4.273   -3.974  -4.659  1.00 0.00 ? 19 G A C2     1 
ATOM 567 N N2     . G A 1 19 ? 5.601   -4.076  -4.568  1.00 0.00 ? 19 G A N2     1 
ATOM 568 N N3     . G A 1 19 ? 3.666   -4.400  -5.775  1.00 0.00 ? 19 G A N3     1 
ATOM 569 C C4     . G A 1 19 ? 2.316   -4.480  -5.646  1.00 0.00 ? 19 G A C4     1 
ATOM 570 H "H5'"  . G A 1 19 ? -0.469  -8.740  -8.466  1.00 0.00 ? 19 G A "H5'"  1 
ATOM 571 H "H5''" . G A 1 19 ? -0.887  -7.439  -7.358  1.00 0.00 ? 19 G A "H5''" 1 
ATOM 572 H "H4'"  . G A 1 19 ? 0.499   -6.978  -10.036 1.00 0.00 ? 19 G A "H4'"  1 
ATOM 573 H "H3'"  . G A 1 19 ? 1.750   -7.905  -7.456  1.00 0.00 ? 19 G A "H3'"  1 
ATOM 574 H "H2'"  . G A 1 19 ? 3.577   -6.340  -7.770  1.00 0.00 ? 19 G A "H2'"  1 
ATOM 575 H "HO2'" . G A 1 19 ? 3.622   -5.113  -9.724  1.00 0.00 ? 19 G A "HO2'" 1 
ATOM 576 H "H1'"  . G A 1 19 ? 2.063   -4.205  -8.400  1.00 0.00 ? 19 G A "H1'"  1 
ATOM 577 H H8     . G A 1 19 ? -0.706  -5.276  -6.412  1.00 0.00 ? 19 G A H8     1 
ATOM 578 H H1     . G A 1 19 ? 4.113   -3.331  -2.697  1.00 0.00 ? 19 G A H1     1 
ATOM 579 H H21    . G A 1 19 ? 6.044   -4.008  -3.662  1.00 0.00 ? 19 G A H21    1 
ATOM 580 H H22    . G A 1 19 ? 6.139   -4.370  -5.371  1.00 0.00 ? 19 G A H22    1 
ATOM 581 P P      . U A 1 20 ? 3.485   -9.369  -9.699  1.00 0.00 ? 20 U A P      1 
ATOM 582 O "O5'"  . U A 1 20 ? 4.493   -9.057  -8.501  1.00 0.00 ? 20 U A "O5'"  1 
ATOM 583 C "C5'"  . U A 1 20 ? 4.715   -9.994  -7.471  1.00 0.00 ? 20 U A "C5'"  1 
ATOM 584 C "C4'"  . U A 1 20 ? 5.144   -9.211  -6.249  1.00 0.00 ? 20 U A "C4'"  1 
ATOM 585 O "O4'"  . U A 1 20 ? 4.255   -8.128  -6.105  1.00 0.00 ? 20 U A "O4'"  1 
ATOM 586 C "C3'"  . U A 1 20 ? 4.990   -9.977  -4.944  1.00 0.00 ? 20 U A "C3'"  1 
ATOM 587 O "O3'"  . U A 1 20 ? 6.043   -10.889 -4.708  1.00 0.00 ? 20 U A "O3'"  1 
ATOM 588 C "C2'"  . U A 1 20 ? 4.988   -8.803  -3.975  1.00 0.00 ? 20 U A "C2'"  1 
ATOM 589 O "O2'"  . U A 1 20 ? 6.283   -8.483  -3.508  1.00 0.00 ? 20 U A "O2'"  1 
ATOM 590 C "C1'"  . U A 1 20 ? 4.434   -7.643  -4.804  1.00 0.00 ? 20 U A "C1'"  1 
ATOM 591 N N1     . U A 1 20 ? 3.174   -7.223  -4.158  1.00 0.00 ? 20 U A N1     1 
ATOM 592 C C2     . U A 1 20 ? 3.352   -6.561  -2.957  1.00 0.00 ? 20 U A C2     1 
ATOM 593 O O2     . U A 1 20 ? 4.454   -6.175  -2.586  1.00 0.00 ? 20 U A O2     1 
ATOM 594 N N3     . U A 1 20 ? 2.235   -6.398  -2.166  1.00 0.00 ? 20 U A N3     1 
ATOM 595 C C4     . U A 1 20 ? 0.978   -6.908  -2.416  1.00 0.00 ? 20 U A C4     1 
ATOM 596 O O4     . U A 1 20 ? 0.073   -6.731  -1.606  1.00 0.00 ? 20 U A O4     1 
ATOM 597 C C5     . U A 1 20 ? 0.891   -7.674  -3.643  1.00 0.00 ? 20 U A C5     1 
ATOM 598 C C6     . U A 1 20 ? 1.966   -7.808  -4.461  1.00 0.00 ? 20 U A C6     1 
ATOM 599 H "H5'"  . U A 1 20 ? 5.494   -10.695 -7.769  1.00 0.00 ? 20 U A "H5'"  1 
ATOM 600 H "H5''" . U A 1 20 ? 3.795   -10.522 -7.221  1.00 0.00 ? 20 U A "H5''" 1 
ATOM 601 H "H4'"  . U A 1 20 ? 6.166   -8.847  -6.354  1.00 0.00 ? 20 U A "H4'"  1 
ATOM 602 H "H3'"  . U A 1 20 ? 4.011   -10.450 -4.876  1.00 0.00 ? 20 U A "H3'"  1 
ATOM 603 H "H2'"  . U A 1 20 ? 4.298   -9.035  -3.164  1.00 0.00 ? 20 U A "H2'"  1 
ATOM 604 H "HO2'" . U A 1 20 ? 6.216   -7.710  -2.942  1.00 0.00 ? 20 U A "HO2'" 1 
ATOM 605 H "H1'"  . U A 1 20 ? 5.153   -6.827  -4.867  1.00 0.00 ? 20 U A "H1'"  1 
ATOM 606 H H3     . U A 1 20 ? 2.404   -5.967  -1.269  1.00 0.00 ? 20 U A H3     1 
ATOM 607 H H5     . U A 1 20 ? -0.037  -8.166  -3.893  1.00 0.00 ? 20 U A H5     1 
ATOM 608 H H6     . U A 1 20 ? 1.880   -8.445  -5.328  1.00 0.00 ? 20 U A H6     1 
ATOM 609 P P      . C A 1 21 ? 5.994   -12.427 -5.193  1.00 0.00 ? 21 C A P      1 
ATOM 610 O "O5'"  . C A 1 21 ? 5.543   -13.283 -3.896  1.00 0.00 ? 21 C A "O5'"  1 
ATOM 611 C "C5'"  . C A 1 21 ? 6.212   -13.253 -2.645  1.00 0.00 ? 21 C A "C5'"  1 
ATOM 612 C "C4'"  . C A 1 21 ? 6.136   -11.882 -1.959  1.00 0.00 ? 21 C A "C4'"  1 
ATOM 613 O "O4'"  . C A 1 21 ? 4.803   -11.419 -1.854  1.00 0.00 ? 21 C A "O4'"  1 
ATOM 614 C "C3'"  . C A 1 21 ? 6.611   -11.951 -0.520  1.00 0.00 ? 21 C A "C3'"  1 
ATOM 615 O "O3'"  . C A 1 21 ? 8.032   -11.936 -0.472  1.00 0.00 ? 21 C A "O3'"  1 
ATOM 616 C "C2'"  . C A 1 21 ? 5.943   -10.700 0.076   1.00 0.00 ? 21 C A "C2'"  1 
ATOM 617 O "O2'"  . C A 1 21 ? 6.848   -9.613  0.080   1.00 0.00 ? 21 C A "O2'"  1 
ATOM 618 C "C1'"  . C A 1 21 ? 4.786   -10.372 -0.896  1.00 0.00 ? 21 C A "C1'"  1 
ATOM 619 N N1     . C A 1 21 ? 3.403   -10.125 -0.360  1.00 0.00 ? 21 C A N1     1 
ATOM 620 C C2     . C A 1 21 ? 3.257   -9.383  0.811   1.00 0.00 ? 21 C A C2     1 
ATOM 621 O O2     . C A 1 21 ? 4.231   -9.073  1.479   1.00 0.00 ? 21 C A O2     1 
ATOM 622 N N3     . C A 1 21 ? 2.017   -8.993  1.216   1.00 0.00 ? 21 C A N3     1 
ATOM 623 C C4     . C A 1 21 ? 0.931   -9.275  0.487   1.00 0.00 ? 21 C A C4     1 
ATOM 624 N N4     . C A 1 21 ? -0.259  -8.852  0.928   1.00 0.00 ? 21 C A N4     1 
ATOM 625 C C5     . C A 1 21 ? 1.042   -10.011 -0.740  1.00 0.00 ? 21 C A C5     1 
ATOM 626 C C6     . C A 1 21 ? 2.284   -10.408 -1.116  1.00 0.00 ? 21 C A C6     1 
ATOM 627 H "H5'"  . C A 1 21 ? 7.249   -13.574 -2.735  1.00 0.00 ? 21 C A "H5'"  1 
ATOM 628 H "H5''" . C A 1 21 ? 5.690   -13.973 -2.012  1.00 0.00 ? 21 C A "H5''" 1 
ATOM 629 H "H4'"  . C A 1 21 ? 6.759   -11.143 -2.461  1.00 0.00 ? 21 C A "H4'"  1 
ATOM 630 H "H3'"  . C A 1 21 ? 6.193   -12.841 -0.050  1.00 0.00 ? 21 C A "H3'"  1 
ATOM 631 H "H2'"  . C A 1 21 ? 5.610   -10.896 1.095   1.00 0.00 ? 21 C A "H2'"  1 
ATOM 632 H "HO2'" . C A 1 21 ? 6.390   -8.842  0.425   1.00 0.00 ? 21 C A "HO2'" 1 
ATOM 633 H "H1'"  . C A 1 21 ? 5.089   -9.438  -1.369  1.00 0.00 ? 21 C A "H1'"  1 
ATOM 634 H H41    . C A 1 21 ? -0.304  -8.294  1.768   1.00 0.00 ? 21 C A H41    1 
ATOM 635 H H42    . C A 1 21 ? -1.099  -9.031  0.397   1.00 0.00 ? 21 C A H42    1 
ATOM 636 H H5     . C A 1 21 ? 0.192   -10.236 -1.367  1.00 0.00 ? 21 C A H5     1 
ATOM 637 H H6     . C A 1 21 ? 2.383   -10.944 -2.049  1.00 0.00 ? 21 C A H6     1 
ATOM 638 P P      . U A 1 22 ? 8.871   -13.142 0.194   1.00 0.00 ? 22 U A P      1 
ATOM 639 O "O5'"  . U A 1 22 ? 8.235   -13.168 1.664   1.00 0.00 ? 22 U A "O5'"  1 
ATOM 640 C "C5'"  . U A 1 22 ? 8.330   -12.039 2.503   1.00 0.00 ? 22 U A "C5'"  1 
ATOM 641 C "C4'"  . U A 1 22 ? 7.263   -12.070 3.590   1.00 0.00 ? 22 U A "C4'"  1 
ATOM 642 O "O4'"  . U A 1 22 ? 6.265   -11.148 3.227   1.00 0.00 ? 22 U A "O4'"  1 
ATOM 643 C "C3'"  . U A 1 22 ? 6.494   -13.378 3.801   1.00 0.00 ? 22 U A "C3'"  1 
ATOM 644 O "O3'"  . U A 1 22 ? 7.251   -14.386 4.444   1.00 0.00 ? 22 U A "O3'"  1 
ATOM 645 C "C2'"  . U A 1 22 ? 5.350   -12.809 4.629   1.00 0.00 ? 22 U A "C2'"  1 
ATOM 646 O "O2'"  . U A 1 22 ? 5.766   -12.516 5.940   1.00 0.00 ? 22 U A "O2'"  1 
ATOM 647 C "C1'"  . U A 1 22 ? 5.103   -11.475 3.935   1.00 0.00 ? 22 U A "C1'"  1 
ATOM 648 N N1     . U A 1 22 ? 3.873   -11.618 3.117   1.00 0.00 ? 22 U A N1     1 
ATOM 649 C C2     . U A 1 22 ? 2.721   -11.350 3.821   1.00 0.00 ? 22 U A C2     1 
ATOM 650 O O2     . U A 1 22 ? 2.786   -11.072 5.011   1.00 0.00 ? 22 U A O2     1 
ATOM 651 N N3     . U A 1 22 ? 1.511   -11.537 3.168   1.00 0.00 ? 22 U A N3     1 
ATOM 652 C C4     . U A 1 22 ? 1.363   -12.252 1.989   1.00 0.00 ? 22 U A C4     1 
ATOM 653 O O4     . U A 1 22 ? 0.246   -12.477 1.534   1.00 0.00 ? 22 U A O4     1 
ATOM 654 C C5     . U A 1 22 ? 2.614   -12.713 1.416   1.00 0.00 ? 22 U A C5     1 
ATOM 655 C C6     . U A 1 22 ? 3.803   -12.390 1.980   1.00 0.00 ? 22 U A C6     1 
ATOM 656 H "H5'"  . U A 1 22 ? 8.157   -11.134 1.919   1.00 0.00 ? 22 U A "H5'"  1 
ATOM 657 H "H5''" . U A 1 22 ? 9.320   -11.962 2.950   1.00 0.00 ? 22 U A "H5''" 1 
ATOM 658 H "H4'"  . U A 1 22 ? 7.700   -11.744 4.533   1.00 0.00 ? 22 U A "H4'"  1 
ATOM 659 H "H3'"  . U A 1 22 ? 6.102   -13.763 2.860   1.00 0.00 ? 22 U A "H3'"  1 
ATOM 660 H "H2'"  . U A 1 22 ? 4.464   -13.444 4.626   1.00 0.00 ? 22 U A "H2'"  1 
ATOM 661 H "HO2'" . U A 1 22 ? 4.988   -12.247 6.433   1.00 0.00 ? 22 U A "HO2'" 1 
ATOM 662 H "H1'"  . U A 1 22 ? 5.022   -10.667 4.662   1.00 0.00 ? 22 U A "H1'"  1 
ATOM 663 H H3     . U A 1 22 ? 0.667   -11.262 3.650   1.00 0.00 ? 22 U A H3     1 
ATOM 664 H H5     . U A 1 22 ? 2.599   -13.337 0.535   1.00 0.00 ? 22 U A H5     1 
ATOM 665 H H6     . U A 1 22 ? 4.706   -12.788 1.539   1.00 0.00 ? 22 U A H6     1 
ATOM 666 P P      . A A 1 23 ? 6.606   -15.806 4.860   1.00 0.00 ? 23 A A P      1 
ATOM 667 O "O5'"  . A A 1 23 ? 5.964   -15.449 6.287   1.00 0.00 ? 23 A A "O5'"  1 
ATOM 668 C "C5'"  . A A 1 23 ? 4.616   -15.696 6.630   1.00 0.00 ? 23 A A "C5'"  1 
ATOM 669 C "C4'"  . A A 1 23 ? 4.377   -14.897 7.915   1.00 0.00 ? 23 A A "C4'"  1 
ATOM 670 O "O4'"  . A A 1 23 ? 3.995   -13.584 7.544   1.00 0.00 ? 23 A A "O4'"  1 
ATOM 671 C "C3'"  . A A 1 23 ? 3.261   -15.440 8.798   1.00 0.00 ? 23 A A "C3'"  1 
ATOM 672 O "O3'"  . A A 1 23 ? 3.644   -16.523 9.651   1.00 0.00 ? 23 A A "O3'"  1 
ATOM 673 C "C2'"  . A A 1 23 ? 2.649   -14.163 9.392   1.00 0.00 ? 23 A A "C2'"  1 
ATOM 674 O "O2'"  . A A 1 23 ? 3.350   -13.587 10.470  1.00 0.00 ? 23 A A "O2'"  1 
ATOM 675 C "C1'"  . A A 1 23 ? 2.827   -13.189 8.228   1.00 0.00 ? 23 A A "C1'"  1 
ATOM 676 N N9     . A A 1 23 ? 1.634   -13.182 7.355   1.00 0.00 ? 23 A A N9     1 
ATOM 677 C C8     . A A 1 23 ? 1.480   -13.548 6.039   1.00 0.00 ? 23 A A C8     1 
ATOM 678 N N7     . A A 1 23 ? 0.281   -13.346 5.566   1.00 0.00 ? 23 A A N7     1 
ATOM 679 C C5     . A A 1 23 ? -0.410  -12.809 6.644   1.00 0.00 ? 23 A A C5     1 
ATOM 680 C C6     . A A 1 23 ? -1.738  -12.374 6.821   1.00 0.00 ? 23 A A C6     1 
ATOM 681 N N6     . A A 1 23 ? -2.664  -12.448 5.861   1.00 0.00 ? 23 A A N6     1 
ATOM 682 N N1     . A A 1 23 ? -2.107  -11.900 8.023   1.00 0.00 ? 23 A A N1     1 
ATOM 683 C C2     . A A 1 23 ? -1.209  -11.857 9.000   1.00 0.00 ? 23 A A C2     1 
ATOM 684 N N3     . A A 1 23 ? 0.064   -12.233 8.968   1.00 0.00 ? 23 A A N3     1 
ATOM 685 C C4     . A A 1 23 ? 0.406   -12.708 7.740   1.00 0.00 ? 23 A A C4     1 
ATOM 686 H "H5'"  . A A 1 23 ? 4.452   -16.763 6.781   1.00 0.00 ? 23 A A "H5'"  1 
ATOM 687 H "H5''" . A A 1 23 ? 3.937   -15.346 5.852   1.00 0.00 ? 23 A A "H5''" 1 
ATOM 688 H "H4'"  . A A 1 23 ? 5.296   -14.846 8.500   1.00 0.00 ? 23 A A "H4'"  1 
ATOM 689 H "H3'"  . A A 1 23 ? 2.511   -15.849 8.119   1.00 0.00 ? 23 A A "H3'"  1 
ATOM 690 H "H2'"  . A A 1 23 ? 1.601   -14.310 9.657   1.00 0.00 ? 23 A A "H2'"  1 
ATOM 691 H "HO2'" . A A 1 23 ? 2.890   -12.787 10.734  1.00 0.00 ? 23 A A "HO2'" 1 
ATOM 692 H "H1'"  . A A 1 23 ? 2.973   -12.169 8.583   1.00 0.00 ? 23 A A "H1'"  1 
ATOM 693 H H8     . A A 1 23 ? 2.274   -13.945 5.423   1.00 0.00 ? 23 A A H8     1 
ATOM 694 H H61    . A A 1 23 ? -3.609  -12.148 6.054   1.00 0.00 ? 23 A A H61    1 
ATOM 695 H H62    . A A 1 23 ? -2.411  -12.833 4.962   1.00 0.00 ? 23 A A H62    1 
ATOM 696 H H2     . A A 1 23 ? -1.558  -11.420 9.925   1.00 0.00 ? 23 A A H2     1 
ATOM 697 P P      . U A 1 24 ? 4.367   -16.389 11.102  1.00 0.00 ? 24 U A P      1 
ATOM 698 O "O5'"  . U A 1 24 ? 3.135   -15.889 12.022  1.00 0.00 ? 24 U A "O5'"  1 
ATOM 699 C "C5'"  . U A 1 24 ? 2.135   -16.808 12.421  1.00 0.00 ? 24 U A "C5'"  1 
ATOM 700 C "C4'"  . U A 1 24 ? 0.751   -16.169 12.600  1.00 0.00 ? 24 U A "C4'"  1 
ATOM 701 O "O4'"  . U A 1 24 ? 0.421   -15.353 11.497  1.00 0.00 ? 24 U A "O4'"  1 
ATOM 702 C "C3'"  . U A 1 24 ? -0.324  -17.256 12.590  1.00 0.00 ? 24 U A "C3'"  1 
ATOM 703 O "O3'"  . U A 1 24 ? -0.513  -17.867 13.849  1.00 0.00 ? 24 U A "O3'"  1 
ATOM 704 C "C2'"  . U A 1 24 ? -1.566  -16.533 12.081  1.00 0.00 ? 24 U A "C2'"  1 
ATOM 705 O "O2'"  . U A 1 24 ? -2.403  -16.102 13.131  1.00 0.00 ? 24 U A "O2'"  1 
ATOM 706 C "C1'"  . U A 1 24 ? -0.986  -15.334 11.323  1.00 0.00 ? 24 U A "C1'"  1 
ATOM 707 N N1     . U A 1 24 ? -1.311  -15.467 9.881   1.00 0.00 ? 24 U A N1     1 
ATOM 708 C C2     . U A 1 24 ? -2.428  -14.799 9.383   1.00 0.00 ? 24 U A C2     1 
ATOM 709 O O2     . U A 1 24 ? -3.160  -14.102 10.079  1.00 0.00 ? 24 U A O2     1 
ATOM 710 N N3     . U A 1 24 ? -2.697  -14.970 8.032   1.00 0.00 ? 24 U A N3     1 
ATOM 711 C C4     . U A 1 24 ? -1.966  -15.757 7.154   1.00 0.00 ? 24 U A C4     1 
ATOM 712 O O4     . U A 1 24 ? -2.238  -15.769 5.957   1.00 0.00 ? 24 U A O4     1 
ATOM 713 C C5     . U A 1 24 ? -0.908  -16.521 7.782   1.00 0.00 ? 24 U A C5     1 
ATOM 714 C C6     . U A 1 24 ? -0.614  -16.352 9.092   1.00 0.00 ? 24 U A C6     1 
ATOM 715 H "H5'"  . U A 1 24 ? 2.443   -17.276 13.355  1.00 0.00 ? 24 U A "H5'"  1 
ATOM 716 H "H5''" . U A 1 24 ? 2.050   -17.578 11.654  1.00 0.00 ? 24 U A "H5''" 1 
ATOM 717 H "H4'"  . U A 1 24 ? 0.695   -15.574 13.511  1.00 0.00 ? 24 U A "H4'"  1 
ATOM 718 H "H3'"  . U A 1 24 ? -0.076  -18.021 11.854  1.00 0.00 ? 24 U A "H3'"  1 
ATOM 719 H "HO3'" . U A 1 24 ? -1.276  -18.447 13.784  1.00 0.00 ? 24 U A "HO3'" 1 
ATOM 720 H "H2'"  . U A 1 24 ? -2.135  -17.191 11.424  1.00 0.00 ? 24 U A "H2'"  1 
ATOM 721 H "HO2'" . U A 1 24 ? -3.105  -15.570 12.747  1.00 0.00 ? 24 U A "HO2'" 1 
ATOM 722 H "H1'"  . U A 1 24 ? -1.358  -14.400 11.743  1.00 0.00 ? 24 U A "H1'"  1 
ATOM 723 H H3     . U A 1 24 ? -3.446  -14.416 7.645   1.00 0.00 ? 24 U A H3     1 
ATOM 724 H H5     . U A 1 24 ? -0.346  -17.235 7.199   1.00 0.00 ? 24 U A H5     1 
ATOM 725 H H6     . U A 1 24 ? 0.174   -16.946 9.532   1.00 0.00 ? 24 U A H6     1 
# 
